data_9FZ5
#
_entry.id   9FZ5
#
_cell.length_a   1.00
_cell.length_b   1.00
_cell.length_c   1.00
_cell.angle_alpha   90.00
_cell.angle_beta   90.00
_cell.angle_gamma   90.00
#
_symmetry.space_group_name_H-M   'P 1'
#
loop_
_entity.id
_entity.type
_entity.pdbx_description
1 polymer 'LPS-assembly protein LptD'
2 polymer 'LPS-assembly lipoprotein LptE'
3 polymer 'Uncharacterized lipoprotein YedD'
#
loop_
_entity_poly.entity_id
_entity_poly.type
_entity_poly.pdbx_seq_one_letter_code
_entity_poly.pdbx_strand_id
1 'polypeptide(L)'
;DLASQCMLGVPSYDRPLVQGDTNDLPVTINADHAKGDYPDDAVFTGSVDIMQGNSRLQADEVQLHQKEAPGQPEPVRTVD
ALGNVHYDDNQVILKGPKGWANLNTKDTNVWEGDYQMVGRQGRGKADLMKQRGENRYTILDNGSFTSCLPGSDTWSVVGS
EIIHDREEQVAEIWNARFKVGPVPIFYSPYLQLPVGDKRRSGFLIPNAKYTTTNYFEFYLPYYWNIAPNMDATITPHYMH
RRGNIMWENEFRYLSQAGAGLMELDYLPSDKVYEDEHPNDDSSRRWLFYWNHSGVMDQVWRFNVDYTKVSDPSYFNDFDN
KYGSSTDGYATQKFSVGYAVQNFNATVSTKQFQVFSEQNTSSYSAEPQLDVNYYQNDVGPFDTRIYGQAVHFVNTRDDMP
EATRVHLEPTINLPLSNNWGSINTEAKLLATHYQQTNLDWYNSRNTTKLDESVNRVMPQFKVDGKMVFERDMEMLAPGYT
QTLEPRAQYLYVPYRDQSDIYNYDSSLLQSDYSGLFRDRTYGGLDRIASANQVTTGVTSRIYDDAAVERFNISVGQIYYF
TESRTGDDNITWENDDKTGSLVWAGDTYWRISERWGLRGGIQYDTRLDNVATSNSSIEYRRDEDRLVQLNYRYASPEYIQ
ATLPKYYSTAEQYKNGISQVGAVASWPIADRWSIVGAYYYDTNANKQADSMLGVQYSSCCYAIRVGYERKLNGWDNDKQH
AVYDNAIGFNIELRGLSSNYGLGTQEMLRSNILPYQNTL
;
A
2 'polypeptide(L)'
;GWHLRDTTQVPSTMKVMILDSGDPNGPLSRAVRNQLRLNGVELLDKETTRKDVPSLRLGKVSIAKDTASVFRNGQTAEYQ
MIMTVNATVLIPGRDIYPISAKVFRSFFDNPQMALAKDNEQDMIVKEMYDRAAEQLIRKLPSIRAADIA
;
B
3 'polypeptide(L)'
;NYNNVVKTPAPDWLAGYWQTKGPQRALVSPEAIGSLIVTKEGDTLDCRQWQRVIAVPGKLTLMSDDLTNVTVKRELYEVE
RDGNTIEYDGMTMERVDRPTAECAAALDKAPLPTPLP
;
C
#
# COMPACT_ATOMS: atom_id res chain seq x y z
N ASP A 1 -2.15 14.54 -20.27
CA ASP A 1 -2.81 13.67 -19.31
C ASP A 1 -4.32 13.65 -19.55
N LEU A 2 -4.98 12.56 -19.17
CA LEU A 2 -6.42 12.45 -19.40
C LEU A 2 -7.19 13.44 -18.55
N ALA A 3 -6.72 13.71 -17.33
CA ALA A 3 -7.43 14.65 -16.45
C ALA A 3 -7.43 16.05 -17.04
N SER A 4 -6.25 16.54 -17.43
CA SER A 4 -6.17 17.86 -18.04
C SER A 4 -6.86 17.90 -19.40
N GLN A 5 -6.86 16.77 -20.12
CA GLN A 5 -7.55 16.73 -21.41
C GLN A 5 -9.05 16.89 -21.23
N CYS A 6 -9.63 16.17 -20.26
CA CYS A 6 -11.06 16.27 -20.00
C CYS A 6 -11.45 17.54 -19.25
N MET A 7 -10.51 18.20 -18.57
CA MET A 7 -10.87 19.37 -17.78
C MET A 7 -11.33 20.53 -18.64
N LEU A 8 -11.01 20.54 -19.92
CA LEU A 8 -11.41 21.64 -20.81
C LEU A 8 -12.76 21.37 -21.48
N GLY A 9 -13.73 20.97 -20.65
CA GLY A 9 -15.09 20.82 -21.11
C GLY A 9 -16.07 21.45 -20.13
N VAL A 10 -15.57 21.84 -18.97
CA VAL A 10 -16.35 22.40 -17.88
C VAL A 10 -16.06 23.89 -17.82
N PRO A 11 -17.01 24.77 -18.15
CA PRO A 11 -16.75 26.20 -18.06
C PRO A 11 -16.54 26.63 -16.61
N SER A 12 -15.85 27.75 -16.44
CA SER A 12 -15.53 28.27 -15.12
C SER A 12 -16.02 29.71 -14.99
N TYR A 13 -16.24 30.13 -13.75
CA TYR A 13 -16.70 31.47 -13.44
C TYR A 13 -15.48 32.39 -13.30
N ASP A 14 -15.25 33.23 -14.30
CA ASP A 14 -14.11 34.13 -14.28
C ASP A 14 -14.41 35.47 -13.63
N ARG A 15 -15.67 35.86 -13.57
CA ARG A 15 -16.04 37.14 -12.98
C ARG A 15 -15.76 37.14 -11.47
N PRO A 16 -15.55 38.31 -10.87
CA PRO A 16 -15.25 38.34 -9.43
C PRO A 16 -16.37 37.74 -8.61
N LEU A 17 -15.98 37.02 -7.56
CA LEU A 17 -16.91 36.27 -6.72
C LEU A 17 -17.26 37.10 -5.49
N VAL A 18 -18.56 37.15 -5.17
CA VAL A 18 -19.07 37.88 -4.01
C VAL A 18 -19.74 36.90 -3.08
N GLN A 19 -19.34 36.93 -1.80
CA GLN A 19 -19.89 36.04 -0.78
C GLN A 19 -20.80 36.83 0.14
N GLY A 20 -22.02 36.33 0.34
CA GLY A 20 -23.00 36.96 1.20
C GLY A 20 -24.37 36.97 0.55
N ASP A 21 -25.29 37.67 1.22
CA ASP A 21 -26.65 37.79 0.73
C ASP A 21 -26.69 38.66 -0.52
N THR A 22 -27.46 38.21 -1.51
CA THR A 22 -27.58 38.91 -2.78
C THR A 22 -28.84 39.77 -2.87
N ASN A 23 -29.67 39.78 -1.83
CA ASN A 23 -30.94 40.50 -1.90
C ASN A 23 -30.72 42.01 -1.86
N ASP A 24 -29.70 42.47 -1.13
CA ASP A 24 -29.44 43.90 -0.95
C ASP A 24 -28.41 44.44 -1.94
N LEU A 25 -27.98 43.63 -2.91
CA LEU A 25 -26.93 44.05 -3.82
C LEU A 25 -27.47 45.02 -4.86
N PRO A 26 -26.60 45.86 -5.43
CA PRO A 26 -27.06 46.88 -6.38
C PRO A 26 -27.54 46.26 -7.69
N VAL A 27 -28.21 47.10 -8.48
CA VAL A 27 -28.81 46.70 -9.74
C VAL A 27 -28.21 47.55 -10.85
N THR A 28 -27.82 46.90 -11.95
CA THR A 28 -27.29 47.58 -13.13
C THR A 28 -28.14 47.19 -14.33
N ILE A 29 -28.52 48.19 -15.12
CA ILE A 29 -29.37 47.99 -16.29
C ILE A 29 -28.70 48.62 -17.50
N ASN A 30 -28.54 47.84 -18.57
CA ASN A 30 -28.02 48.32 -19.84
C ASN A 30 -29.00 47.99 -20.94
N ALA A 31 -29.30 48.97 -21.79
CA ALA A 31 -30.26 48.75 -22.87
C ALA A 31 -30.03 49.77 -23.97
N ALA A 42 -41.67 49.33 -16.82
CA ALA A 42 -40.68 49.86 -17.75
C ALA A 42 -40.23 48.78 -18.71
N VAL A 43 -39.89 49.18 -19.93
CA VAL A 43 -39.52 48.25 -21.00
C VAL A 43 -38.15 48.64 -21.52
N PHE A 44 -37.27 47.64 -21.67
CA PHE A 44 -35.96 47.81 -22.30
C PHE A 44 -35.89 46.92 -23.52
N THR A 45 -35.40 47.46 -24.63
CA THR A 45 -35.36 46.76 -25.91
C THR A 45 -33.92 46.74 -26.43
N GLY A 46 -33.39 45.55 -26.66
CA GLY A 46 -32.10 45.39 -27.31
C GLY A 46 -30.96 45.08 -26.37
N SER A 47 -30.60 43.80 -26.26
CA SER A 47 -29.44 43.33 -25.51
C SER A 47 -29.43 43.90 -24.08
N VAL A 48 -30.45 43.55 -23.31
CA VAL A 48 -30.56 44.03 -21.95
C VAL A 48 -29.68 43.20 -21.04
N ASP A 49 -28.84 43.87 -20.25
CA ASP A 49 -27.90 43.22 -19.36
C ASP A 49 -28.28 43.50 -17.92
N ILE A 50 -28.23 42.45 -17.08
CA ILE A 50 -28.55 42.56 -15.67
C ILE A 50 -27.41 41.96 -14.87
N MET A 51 -26.94 42.69 -13.86
CA MET A 51 -25.85 42.24 -12.99
C MET A 51 -26.32 42.35 -11.55
N GLN A 52 -26.75 41.23 -10.98
CA GLN A 52 -27.23 41.15 -9.61
C GLN A 52 -26.38 40.11 -8.88
N GLY A 53 -25.30 40.56 -8.24
CA GLY A 53 -24.40 39.65 -7.57
C GLY A 53 -23.79 38.68 -8.57
N ASN A 54 -23.85 37.39 -8.24
CA ASN A 54 -23.32 36.37 -9.12
C ASN A 54 -24.27 35.97 -10.23
N SER A 55 -25.55 36.38 -10.15
CA SER A 55 -26.54 36.01 -11.14
C SER A 55 -26.58 37.06 -12.26
N ARG A 56 -26.41 36.61 -13.49
CA ARG A 56 -26.41 37.49 -14.65
C ARG A 56 -27.43 36.99 -15.65
N LEU A 57 -28.18 37.92 -16.25
CA LEU A 57 -29.22 37.60 -17.22
C LEU A 57 -29.05 38.45 -18.47
N GLN A 58 -29.26 37.84 -19.62
CA GLN A 58 -29.18 38.52 -20.90
C GLN A 58 -30.41 38.20 -21.72
N ALA A 59 -30.90 39.18 -22.48
CA ALA A 59 -32.07 38.98 -23.33
C ALA A 59 -32.17 40.15 -24.30
N ASP A 60 -32.81 39.90 -25.44
CA ASP A 60 -33.10 40.98 -26.37
C ASP A 60 -34.08 41.98 -25.77
N GLU A 61 -35.09 41.50 -25.07
CA GLU A 61 -36.11 42.35 -24.47
C GLU A 61 -36.31 41.95 -23.02
N VAL A 62 -36.28 42.95 -22.13
CA VAL A 62 -36.52 42.74 -20.71
C VAL A 62 -37.57 43.76 -20.26
N GLN A 63 -38.64 43.28 -19.64
CA GLN A 63 -39.70 44.11 -19.10
C GLN A 63 -39.79 43.88 -17.59
N LEU A 64 -39.61 44.95 -16.83
CA LEU A 64 -39.72 44.88 -15.37
C LEU A 64 -41.08 45.43 -14.95
N HIS A 65 -41.76 44.69 -14.07
CA HIS A 65 -43.08 45.08 -13.58
C HIS A 65 -43.10 44.91 -12.07
N GLN A 66 -43.24 46.01 -11.35
CA GLN A 66 -43.20 46.01 -9.89
C GLN A 66 -44.56 46.44 -9.35
N VAL A 76 -43.71 43.40 -5.00
CA VAL A 76 -43.57 42.24 -5.86
C VAL A 76 -42.87 42.66 -7.14
N ARG A 77 -41.56 42.42 -7.21
CA ARG A 77 -40.74 42.81 -8.35
C ARG A 77 -40.71 41.66 -9.34
N THR A 78 -41.28 41.88 -10.53
CA THR A 78 -41.33 40.87 -11.58
C THR A 78 -40.65 41.41 -12.82
N VAL A 79 -39.73 40.63 -13.39
CA VAL A 79 -39.02 40.98 -14.61
C VAL A 79 -39.33 39.93 -15.66
N ASP A 80 -39.80 40.38 -16.82
CA ASP A 80 -40.16 39.50 -17.92
C ASP A 80 -39.14 39.67 -19.04
N ALA A 81 -38.32 38.63 -19.24
CA ALA A 81 -37.31 38.63 -20.29
C ALA A 81 -37.74 37.68 -21.40
N LEU A 82 -37.72 38.18 -22.63
CA LEU A 82 -38.15 37.41 -23.79
C LEU A 82 -37.11 37.50 -24.90
N GLY A 83 -36.79 36.35 -25.50
CA GLY A 83 -35.91 36.32 -26.65
C GLY A 83 -34.50 35.90 -26.33
N ASN A 84 -34.19 34.62 -26.58
CA ASN A 84 -32.84 34.08 -26.38
C ASN A 84 -32.32 34.39 -24.98
N VAL A 85 -33.18 34.23 -23.98
CA VAL A 85 -32.81 34.55 -22.60
C VAL A 85 -31.69 33.64 -22.16
N HIS A 86 -30.65 34.23 -21.57
CA HIS A 86 -29.52 33.50 -21.03
C HIS A 86 -29.60 33.50 -19.51
N TYR A 87 -28.57 32.94 -18.88
CA TYR A 87 -28.46 32.91 -17.43
C TYR A 87 -27.07 32.43 -17.07
N ASP A 88 -26.54 32.98 -15.98
CA ASP A 88 -25.22 32.59 -15.48
C ASP A 88 -25.19 32.82 -13.98
N ASP A 89 -25.42 31.75 -13.23
CA ASP A 89 -25.32 31.80 -11.78
C ASP A 89 -23.94 31.30 -11.34
N ASN A 90 -23.79 31.06 -10.04
CA ASN A 90 -22.52 30.57 -9.53
C ASN A 90 -22.24 29.15 -9.99
N GLN A 91 -23.27 28.32 -10.15
CA GLN A 91 -23.08 26.92 -10.48
C GLN A 91 -24.08 26.40 -11.51
N VAL A 92 -24.67 27.29 -12.30
CA VAL A 92 -25.70 26.89 -13.26
C VAL A 92 -25.67 27.85 -14.44
N ILE A 93 -25.84 27.30 -15.64
CA ILE A 93 -26.04 28.08 -16.85
C ILE A 93 -27.29 27.58 -17.55
N LEU A 94 -28.16 28.49 -17.95
CA LEU A 94 -29.41 28.14 -18.63
C LEU A 94 -29.42 28.75 -20.02
N LYS A 95 -30.43 28.35 -20.80
CA LYS A 95 -30.69 28.93 -22.11
C LYS A 95 -32.16 28.70 -22.44
N GLY A 96 -32.71 29.57 -23.29
CA GLY A 96 -34.09 29.45 -23.69
C GLY A 96 -34.67 30.76 -24.19
N PRO A 97 -35.67 30.66 -25.07
CA PRO A 97 -36.27 31.88 -25.63
C PRO A 97 -37.03 32.72 -24.62
N LYS A 98 -37.94 32.10 -23.87
CA LYS A 98 -38.82 32.81 -22.95
C LYS A 98 -38.31 32.68 -21.52
N GLY A 99 -38.37 33.79 -20.77
CA GLY A 99 -37.92 33.80 -19.41
C GLY A 99 -38.88 34.55 -18.50
N TRP A 100 -38.66 34.37 -17.20
CA TRP A 100 -39.43 35.07 -16.17
C TRP A 100 -38.56 35.21 -14.94
N ALA A 101 -38.87 36.21 -14.12
CA ALA A 101 -38.03 36.50 -12.98
C ALA A 101 -38.86 37.08 -11.84
N ASN A 102 -38.30 37.00 -10.63
CA ASN A 102 -38.90 37.58 -9.44
C ASN A 102 -37.82 37.69 -8.37
N LEU A 103 -37.77 38.83 -7.69
CA LEU A 103 -36.72 39.08 -6.70
C LEU A 103 -37.12 38.67 -5.28
N ASN A 104 -38.42 38.51 -5.01
CA ASN A 104 -38.85 38.21 -3.65
C ASN A 104 -38.36 36.84 -3.20
N THR A 105 -38.52 35.82 -4.05
CA THR A 105 -38.13 34.46 -3.73
C THR A 105 -36.99 33.94 -4.59
N LYS A 106 -36.35 34.82 -5.38
CA LYS A 106 -35.24 34.44 -6.26
C LYS A 106 -35.63 33.34 -7.24
N ASP A 107 -36.89 33.33 -7.67
CA ASP A 107 -37.40 32.28 -8.54
C ASP A 107 -37.45 32.78 -9.99
N THR A 108 -37.00 31.94 -10.91
CA THR A 108 -37.02 32.25 -12.33
C THR A 108 -37.62 31.08 -13.11
N ASN A 109 -38.25 31.40 -14.23
CA ASN A 109 -38.84 30.40 -15.11
C ASN A 109 -38.28 30.57 -16.51
N VAL A 110 -37.75 29.49 -17.08
CA VAL A 110 -37.15 29.48 -18.40
C VAL A 110 -37.80 28.36 -19.21
N TRP A 111 -38.21 28.67 -20.44
CA TRP A 111 -38.90 27.71 -21.28
C TRP A 111 -37.93 26.75 -21.96
N GLU A 112 -38.41 26.01 -22.95
CA GLU A 112 -37.64 24.95 -23.58
C GLU A 112 -36.30 25.44 -24.10
N GLY A 113 -35.24 24.71 -23.77
CA GLY A 113 -33.90 25.04 -24.21
C GLY A 113 -32.88 24.03 -23.77
N ASP A 114 -31.70 24.49 -23.35
CA ASP A 114 -30.64 23.63 -22.87
C ASP A 114 -30.06 24.22 -21.59
N TYR A 115 -29.52 23.35 -20.75
CA TYR A 115 -28.88 23.77 -19.51
C TYR A 115 -27.56 23.02 -19.34
N GLN A 116 -26.64 23.64 -18.60
CA GLN A 116 -25.32 23.08 -18.38
C GLN A 116 -24.93 23.32 -16.93
N MET A 117 -24.01 22.48 -16.45
CA MET A 117 -23.45 22.62 -15.11
C MET A 117 -22.03 23.16 -15.21
N VAL A 118 -21.74 24.22 -14.46
CA VAL A 118 -20.46 24.90 -14.48
C VAL A 118 -19.75 24.67 -13.16
N GLY A 119 -18.45 24.40 -13.23
CA GLY A 119 -17.66 23.99 -12.10
C GLY A 119 -17.47 22.49 -11.99
N ARG A 120 -18.34 21.72 -12.64
CA ARG A 120 -18.19 20.28 -12.75
C ARG A 120 -18.98 19.81 -13.96
N GLN A 121 -18.68 18.60 -14.41
CA GLN A 121 -19.33 18.07 -15.61
C GLN A 121 -20.81 17.81 -15.34
N GLY A 122 -21.58 17.79 -16.42
CA GLY A 122 -23.02 17.64 -16.33
C GLY A 122 -23.73 18.41 -17.42
N ARG A 123 -24.65 17.76 -18.11
CA ARG A 123 -25.30 18.35 -19.28
C ARG A 123 -26.74 17.87 -19.31
N GLY A 124 -27.59 18.61 -20.02
CA GLY A 124 -28.95 18.16 -20.19
C GLY A 124 -29.73 19.07 -21.10
N LYS A 125 -30.97 18.66 -21.35
CA LYS A 125 -31.94 19.44 -22.11
C LYS A 125 -33.31 19.13 -21.55
N ALA A 126 -34.28 19.99 -21.83
CA ALA A 126 -35.60 19.84 -21.23
C ALA A 126 -36.65 20.48 -22.13
N ASP A 127 -37.88 20.47 -21.65
CA ASP A 127 -39.02 21.07 -22.32
C ASP A 127 -39.58 22.25 -21.55
N LEU A 128 -39.67 22.16 -20.22
CA LEU A 128 -40.10 23.27 -19.38
C LEU A 128 -39.26 23.23 -18.11
N MET A 129 -38.39 24.23 -17.95
CA MET A 129 -37.48 24.28 -16.82
C MET A 129 -38.08 25.14 -15.71
N LYS A 130 -37.36 25.20 -14.59
CA LYS A 130 -37.75 26.01 -13.43
C LYS A 130 -36.55 26.15 -12.52
N GLN A 131 -36.40 27.32 -11.91
CA GLN A 131 -35.26 27.65 -11.06
C GLN A 131 -35.77 28.33 -9.78
N ARG A 132 -36.72 27.68 -9.11
CA ARG A 132 -37.22 28.19 -7.84
C ARG A 132 -36.08 28.43 -6.87
N GLY A 133 -36.04 29.64 -6.30
CA GLY A 133 -34.90 30.07 -5.51
C GLY A 133 -34.67 29.29 -4.24
N GLU A 134 -35.68 28.59 -3.74
CA GLU A 134 -35.52 27.79 -2.54
C GLU A 134 -34.48 26.70 -2.76
N ASN A 135 -33.36 26.81 -2.03
CA ASN A 135 -32.23 25.90 -2.19
C ASN A 135 -31.76 25.86 -3.64
N ARG A 136 -31.81 24.69 -4.26
CA ARG A 136 -31.39 24.57 -5.65
C ARG A 136 -32.28 23.64 -6.48
N TYR A 137 -33.50 23.36 -6.03
CA TYR A 137 -34.36 22.41 -6.73
C TYR A 137 -34.76 22.97 -8.08
N THR A 138 -34.28 22.35 -9.15
CA THR A 138 -34.71 22.66 -10.51
C THR A 138 -35.62 21.55 -11.01
N ILE A 139 -36.51 21.91 -11.93
CA ILE A 139 -37.54 21.01 -12.43
C ILE A 139 -37.55 21.03 -13.95
N LEU A 140 -37.65 19.85 -14.55
CA LEU A 140 -37.85 19.70 -15.98
C LEU A 140 -39.19 19.01 -16.23
N ASP A 141 -39.50 18.79 -17.49
CA ASP A 141 -40.73 18.07 -17.83
C ASP A 141 -40.51 16.89 -18.76
N ASN A 142 -39.58 17.00 -19.71
CA ASN A 142 -39.22 15.91 -20.61
C ASN A 142 -37.70 15.80 -20.70
N GLY A 143 -37.02 16.06 -19.58
CA GLY A 143 -35.59 16.26 -19.59
C GLY A 143 -34.80 14.98 -19.71
N SER A 144 -33.48 15.13 -19.56
CA SER A 144 -32.53 14.04 -19.61
C SER A 144 -31.19 14.54 -19.07
N PHE A 145 -30.62 13.80 -18.12
CA PHE A 145 -29.39 14.21 -17.45
C PHE A 145 -28.31 13.20 -17.76
N THR A 146 -27.30 13.62 -18.53
CA THR A 146 -26.14 12.81 -18.86
C THR A 146 -24.93 13.35 -18.12
N SER A 147 -23.76 12.77 -18.38
CA SER A 147 -22.54 13.24 -17.74
C SER A 147 -21.35 13.30 -18.71
N CYS A 148 -21.61 13.25 -20.01
CA CYS A 148 -20.55 13.29 -21.02
C CYS A 148 -20.41 14.69 -21.60
N LEU A 149 -19.25 14.94 -22.18
CA LEU A 149 -18.97 16.25 -22.77
C LEU A 149 -19.85 16.45 -24.01
N PRO A 150 -20.15 17.71 -24.36
CA PRO A 150 -21.03 17.97 -25.50
C PRO A 150 -20.46 17.42 -26.79
N GLY A 151 -21.35 16.94 -27.66
CA GLY A 151 -20.96 16.35 -28.92
C GLY A 151 -20.72 14.87 -28.90
N SER A 152 -20.90 14.21 -27.76
CA SER A 152 -20.71 12.77 -27.64
C SER A 152 -21.95 12.16 -27.00
N ASP A 153 -22.65 11.32 -27.75
CA ASP A 153 -23.88 10.67 -27.28
C ASP A 153 -23.54 9.20 -26.99
N THR A 154 -23.37 8.89 -25.70
CA THR A 154 -23.09 7.53 -25.27
C THR A 154 -24.17 6.97 -24.35
N TRP A 155 -24.56 7.73 -23.32
CA TRP A 155 -25.58 7.25 -22.40
C TRP A 155 -26.33 8.45 -21.83
N SER A 156 -27.55 8.18 -21.34
CA SER A 156 -28.40 9.21 -20.79
C SER A 156 -29.32 8.60 -19.74
N VAL A 157 -29.69 9.40 -18.75
CA VAL A 157 -30.66 9.02 -17.74
C VAL A 157 -31.91 9.84 -18.01
N VAL A 158 -32.83 9.29 -18.79
CA VAL A 158 -34.01 10.02 -19.27
C VAL A 158 -35.18 9.72 -18.34
N GLY A 159 -35.85 10.77 -17.87
CA GLY A 159 -37.03 10.61 -17.05
C GLY A 159 -38.13 11.57 -17.45
N SER A 160 -39.01 11.92 -16.50
CA SER A 160 -40.04 12.91 -16.74
C SER A 160 -39.84 14.15 -15.87
N GLU A 161 -39.78 14.00 -14.56
CA GLU A 161 -39.52 15.10 -13.64
C GLU A 161 -38.25 14.80 -12.87
N ILE A 162 -37.33 15.75 -12.90
CA ILE A 162 -36.03 15.61 -12.24
C ILE A 162 -35.83 16.80 -11.33
N ILE A 163 -35.51 16.54 -10.07
CA ILE A 163 -35.29 17.59 -9.07
C ILE A 163 -33.85 17.48 -8.59
N HIS A 164 -33.04 18.50 -8.89
CA HIS A 164 -31.64 18.54 -8.50
C HIS A 164 -31.55 19.25 -7.15
N ASP A 165 -31.36 18.48 -6.08
CA ASP A 165 -31.18 19.04 -4.76
C ASP A 165 -29.70 19.32 -4.51
N ARG A 166 -29.38 20.54 -4.09
CA ARG A 166 -28.01 20.87 -3.68
C ARG A 166 -28.07 21.51 -2.30
N GLU A 167 -28.23 20.66 -1.28
CA GLU A 167 -27.81 20.93 0.08
C GLU A 167 -26.83 19.86 0.55
N GLU A 168 -27.20 18.60 0.41
CA GLU A 168 -26.26 17.51 0.28
C GLU A 168 -26.01 17.29 -1.21
N GLN A 169 -25.40 16.17 -1.57
CA GLN A 169 -25.13 15.83 -2.97
C GLN A 169 -26.07 14.70 -3.35
N VAL A 170 -27.27 15.06 -3.81
CA VAL A 170 -28.33 14.11 -4.13
C VAL A 170 -29.08 14.60 -5.36
N ALA A 171 -29.44 13.65 -6.23
CA ALA A 171 -30.30 13.92 -7.37
C ALA A 171 -31.49 12.99 -7.34
N GLU A 172 -32.56 13.36 -8.05
CA GLU A 172 -33.80 12.59 -8.05
C GLU A 172 -34.33 12.49 -9.46
N ILE A 173 -34.87 11.32 -9.82
CA ILE A 173 -35.39 11.06 -11.16
C ILE A 173 -36.72 10.32 -11.05
N TRP A 174 -37.68 10.70 -11.88
CA TRP A 174 -38.99 10.08 -11.96
C TRP A 174 -39.17 9.41 -13.31
N ASN A 175 -39.84 8.25 -13.30
CA ASN A 175 -40.14 7.49 -14.52
C ASN A 175 -38.86 7.23 -15.33
N ALA A 176 -37.80 6.84 -14.62
CA ALA A 176 -36.49 6.75 -15.23
C ALA A 176 -36.45 5.69 -16.32
N ARG A 177 -35.62 5.94 -17.34
CA ARG A 177 -35.41 4.98 -18.42
C ARG A 177 -33.96 5.15 -18.88
N PHE A 178 -33.08 4.35 -18.31
CA PHE A 178 -31.67 4.41 -18.67
C PHE A 178 -31.50 4.05 -20.14
N LYS A 179 -30.77 4.89 -20.87
CA LYS A 179 -30.53 4.68 -22.28
C LYS A 179 -29.04 4.74 -22.57
N VAL A 180 -28.52 3.73 -23.25
CA VAL A 180 -27.15 3.72 -23.73
C VAL A 180 -27.24 3.80 -25.25
N GLY A 181 -27.03 4.99 -25.80
CA GLY A 181 -27.35 5.25 -27.18
C GLY A 181 -28.85 5.41 -27.35
N PRO A 182 -29.35 5.24 -28.57
CA PRO A 182 -30.79 5.34 -28.84
C PRO A 182 -31.58 4.07 -28.56
N VAL A 183 -31.30 3.45 -27.41
CA VAL A 183 -32.00 2.23 -26.99
C VAL A 183 -32.16 2.22 -25.47
N PRO A 184 -33.31 1.82 -24.94
CA PRO A 184 -33.49 1.74 -23.49
C PRO A 184 -33.16 0.37 -22.94
N ILE A 185 -32.61 0.36 -21.72
CA ILE A 185 -32.21 -0.89 -21.08
C ILE A 185 -32.68 -1.00 -19.64
N PHE A 186 -33.63 -0.15 -19.22
CA PHE A 186 -33.95 -0.11 -17.80
C PHE A 186 -35.36 0.43 -17.57
N TYR A 187 -35.80 0.30 -16.32
CA TYR A 187 -37.12 0.74 -15.87
C TYR A 187 -37.07 0.67 -14.34
N SER A 188 -38.23 0.86 -13.69
CA SER A 188 -38.35 0.92 -12.23
C SER A 188 -38.18 2.39 -11.89
N PRO A 189 -39.24 3.19 -12.10
CA PRO A 189 -39.11 4.66 -12.16
C PRO A 189 -38.30 5.42 -11.13
N TYR A 190 -38.38 5.05 -9.87
CA TYR A 190 -37.80 5.88 -8.81
C TYR A 190 -36.41 5.29 -8.61
N LEU A 191 -35.42 5.88 -9.29
CA LEU A 191 -34.02 5.63 -9.03
C LEU A 191 -33.28 6.94 -9.06
N GLN A 192 -32.24 7.04 -8.23
CA GLN A 192 -31.51 8.28 -8.04
C GLN A 192 -30.04 8.09 -8.39
N LEU A 193 -29.48 9.09 -9.06
CA LEU A 193 -28.05 9.10 -9.39
C LEU A 193 -27.34 10.01 -8.41
N PRO A 194 -26.48 9.49 -7.54
CA PRO A 194 -25.78 10.36 -6.58
C PRO A 194 -24.58 11.04 -7.22
N VAL A 195 -24.68 12.34 -7.42
CA VAL A 195 -23.62 13.14 -8.02
C VAL A 195 -22.99 13.98 -6.92
N GLY A 196 -21.67 13.84 -6.76
CA GLY A 196 -20.92 14.49 -5.70
C GLY A 196 -20.03 13.49 -5.01
N ASP A 197 -19.56 13.85 -3.82
CA ASP A 197 -18.67 13.00 -3.04
C ASP A 197 -19.21 12.79 -1.64
N LYS A 198 -20.51 12.53 -1.52
CA LYS A 198 -21.14 12.21 -0.25
C LYS A 198 -21.83 10.85 -0.36
N ARG A 199 -21.71 10.05 0.70
CA ARG A 199 -22.20 8.69 0.66
C ARG A 199 -23.73 8.66 0.71
N ARG A 200 -24.33 7.90 -0.21
CA ARG A 200 -25.78 7.71 -0.25
C ARG A 200 -26.07 6.22 -0.31
N SER A 201 -27.07 5.79 0.46
CA SER A 201 -27.40 4.37 0.57
C SER A 201 -28.14 3.91 -0.68
N GLY A 202 -27.50 3.03 -1.46
CA GLY A 202 -28.10 2.54 -2.68
C GLY A 202 -27.38 1.31 -3.17
N PHE A 203 -27.80 0.83 -4.35
CA PHE A 203 -27.20 -0.34 -4.95
C PHE A 203 -25.85 0.01 -5.57
N LEU A 204 -25.28 -0.95 -6.29
CA LEU A 204 -23.98 -0.76 -6.94
C LEU A 204 -23.99 -1.53 -8.26
N ILE A 205 -22.82 -1.69 -8.86
CA ILE A 205 -22.68 -2.30 -10.18
C ILE A 205 -22.25 -3.75 -10.06
N PRO A 206 -22.73 -4.64 -10.91
CA PRO A 206 -22.37 -6.06 -10.84
C PRO A 206 -21.04 -6.35 -11.53
N ASN A 207 -20.68 -7.63 -11.53
CA ASN A 207 -19.45 -8.11 -12.15
C ASN A 207 -19.78 -9.39 -12.92
N ALA A 208 -18.73 -10.08 -13.38
CA ALA A 208 -18.89 -11.35 -14.07
C ALA A 208 -17.56 -12.10 -14.01
N LYS A 209 -17.61 -13.39 -14.35
CA LYS A 209 -16.43 -14.24 -14.37
C LYS A 209 -16.75 -15.49 -15.18
N TYR A 210 -15.70 -16.20 -15.57
CA TYR A 210 -15.85 -17.51 -16.23
C TYR A 210 -14.80 -18.47 -15.68
N THR A 211 -14.65 -18.51 -14.36
CA THR A 211 -13.69 -19.42 -13.75
C THR A 211 -13.98 -20.86 -14.14
N THR A 212 -12.98 -21.73 -13.96
CA THR A 212 -13.08 -23.11 -14.42
C THR A 212 -13.74 -24.04 -13.41
N THR A 213 -13.88 -23.63 -12.16
CA THR A 213 -14.56 -24.47 -11.17
C THR A 213 -16.07 -24.31 -11.25
N ASN A 214 -16.54 -23.08 -11.45
CA ASN A 214 -17.95 -22.79 -11.66
C ASN A 214 -18.09 -22.01 -12.96
N TYR A 215 -19.00 -22.45 -13.82
CA TYR A 215 -19.07 -21.97 -15.20
C TYR A 215 -19.55 -20.53 -15.33
N PHE A 216 -19.95 -19.88 -14.25
CA PHE A 216 -20.46 -18.52 -14.34
C PHE A 216 -20.29 -17.84 -12.98
N GLU A 217 -20.63 -16.57 -12.92
CA GLU A 217 -20.52 -15.79 -11.70
C GLU A 217 -21.30 -14.50 -11.88
N PHE A 218 -21.84 -13.98 -10.78
CA PHE A 218 -22.62 -12.74 -10.82
C PHE A 218 -22.80 -12.16 -9.43
N TYR A 219 -22.62 -10.86 -9.29
CA TYR A 219 -22.73 -10.17 -8.01
C TYR A 219 -23.81 -9.09 -8.11
N LEU A 220 -24.22 -8.58 -6.96
CA LEU A 220 -25.23 -7.53 -6.91
C LEU A 220 -25.18 -6.83 -5.55
N PRO A 221 -24.20 -5.94 -5.34
CA PRO A 221 -24.00 -5.38 -4.01
C PRO A 221 -25.15 -4.50 -3.51
N TYR A 222 -25.01 -4.01 -2.28
CA TYR A 222 -25.98 -3.09 -1.68
C TYR A 222 -25.25 -2.35 -0.56
N TYR A 223 -25.40 -1.03 -0.52
CA TYR A 223 -24.68 -0.20 0.43
C TYR A 223 -25.62 0.31 1.51
N TRP A 224 -25.04 0.68 2.65
CA TRP A 224 -25.79 1.27 3.75
C TRP A 224 -24.86 2.18 4.53
N ASN A 225 -25.44 3.22 5.13
CA ASN A 225 -24.66 4.26 5.82
C ASN A 225 -25.31 4.61 7.17
N ILE A 226 -25.55 3.58 7.99
CA ILE A 226 -26.32 3.68 9.23
C ILE A 226 -26.01 4.95 10.02
N ALA A 227 -24.73 5.27 10.15
CA ALA A 227 -24.30 6.42 10.95
C ALA A 227 -23.13 7.10 10.24
N PRO A 228 -22.65 8.24 10.74
CA PRO A 228 -21.42 8.81 10.16
C PRO A 228 -20.22 7.88 10.26
N ASN A 229 -20.21 6.95 11.22
CA ASN A 229 -19.17 5.93 11.33
C ASN A 229 -19.84 4.57 11.47
N MET A 230 -20.21 3.98 10.34
CA MET A 230 -20.84 2.67 10.27
C MET A 230 -21.05 2.34 8.80
N ASP A 231 -21.26 1.05 8.50
CA ASP A 231 -21.40 0.59 7.13
C ASP A 231 -22.15 -0.73 7.14
N ALA A 232 -22.52 -1.19 5.94
CA ALA A 232 -23.11 -2.49 5.69
C ALA A 232 -23.12 -2.72 4.18
N THR A 233 -22.71 -3.91 3.75
CA THR A 233 -22.46 -4.18 2.35
C THR A 233 -23.06 -5.53 1.93
N ILE A 234 -24.33 -5.75 2.25
CA ILE A 234 -25.01 -6.97 1.82
C ILE A 234 -24.83 -7.18 0.32
N THR A 235 -24.52 -8.43 -0.07
CA THR A 235 -24.15 -8.73 -1.45
C THR A 235 -24.50 -10.17 -1.77
N PRO A 236 -25.58 -10.41 -2.52
CA PRO A 236 -25.83 -11.77 -3.05
C PRO A 236 -24.76 -12.19 -4.05
N HIS A 237 -24.90 -13.42 -4.54
CA HIS A 237 -23.89 -14.01 -5.41
C HIS A 237 -24.43 -15.26 -6.09
N TYR A 238 -24.14 -15.43 -7.38
CA TYR A 238 -24.58 -16.61 -8.12
C TYR A 238 -23.40 -17.53 -8.42
N MET A 239 -23.67 -18.83 -8.39
CA MET A 239 -22.65 -19.87 -8.48
C MET A 239 -23.09 -20.97 -9.44
N HIS A 240 -23.46 -20.58 -10.66
CA HIS A 240 -24.21 -21.38 -11.62
C HIS A 240 -23.93 -22.89 -11.59
N ARG A 241 -22.65 -23.28 -11.48
CA ARG A 241 -22.33 -24.71 -11.43
C ARG A 241 -23.08 -25.41 -10.31
N ARG A 242 -22.96 -24.89 -9.09
CA ARG A 242 -23.70 -25.43 -7.95
C ARG A 242 -25.20 -25.25 -8.14
N GLY A 243 -25.66 -24.00 -8.18
CA GLY A 243 -27.05 -23.72 -8.45
C GLY A 243 -27.75 -22.89 -7.40
N ASN A 244 -27.06 -22.56 -6.30
CA ASN A 244 -27.69 -21.86 -5.18
C ASN A 244 -26.97 -20.55 -4.91
N ILE A 245 -27.76 -19.52 -4.59
CA ILE A 245 -27.22 -18.20 -4.29
C ILE A 245 -26.55 -18.22 -2.93
N MET A 246 -25.31 -17.75 -2.87
CA MET A 246 -24.55 -17.69 -1.62
C MET A 246 -24.55 -16.26 -1.12
N TRP A 247 -25.29 -16.02 -0.03
CA TRP A 247 -25.40 -14.67 0.52
C TRP A 247 -24.10 -14.27 1.19
N GLU A 248 -23.68 -13.02 0.99
CA GLU A 248 -22.40 -12.51 1.49
C GLU A 248 -22.63 -11.18 2.19
N ASN A 249 -22.82 -11.22 3.51
CA ASN A 249 -23.00 -10.01 4.29
C ASN A 249 -21.66 -9.35 4.55
N GLU A 250 -21.66 -8.30 5.36
CA GLU A 250 -20.45 -7.54 5.67
C GLU A 250 -20.78 -6.60 6.82
N PHE A 251 -19.77 -5.81 7.23
CA PHE A 251 -19.90 -4.85 8.31
C PHE A 251 -18.62 -4.03 8.37
N ARG A 252 -18.72 -2.86 8.98
CA ARG A 252 -17.57 -2.03 9.27
C ARG A 252 -17.96 -1.07 10.38
N TYR A 253 -16.97 -0.50 11.05
CA TYR A 253 -17.23 0.47 12.10
C TYR A 253 -15.96 1.24 12.42
N LEU A 254 -16.08 2.19 13.34
CA LEU A 254 -14.96 2.96 13.86
C LEU A 254 -15.41 3.58 15.17
N SER A 255 -14.63 3.39 16.21
CA SER A 255 -15.08 3.72 17.56
C SER A 255 -13.87 4.17 18.38
N GLN A 256 -14.01 4.15 19.70
CA GLN A 256 -12.96 4.57 20.61
C GLN A 256 -11.75 3.64 20.54
N ALA A 257 -11.91 2.49 19.89
CA ALA A 257 -10.83 1.51 19.78
C ALA A 257 -10.82 0.94 18.36
N GLY A 258 -9.94 1.50 17.52
CA GLY A 258 -9.62 0.96 16.21
C GLY A 258 -10.78 0.89 15.24
N ALA A 259 -10.65 -0.03 14.29
CA ALA A 259 -11.65 -0.23 13.25
C ALA A 259 -11.67 -1.69 12.83
N GLY A 260 -12.85 -2.32 12.91
CA GLY A 260 -13.01 -3.71 12.55
C GLY A 260 -13.55 -3.90 11.14
N LEU A 261 -13.52 -5.16 10.71
CA LEU A 261 -13.93 -5.53 9.36
C LEU A 261 -14.74 -6.83 9.39
N MET A 262 -15.70 -6.90 10.31
CA MET A 262 -16.52 -8.10 10.46
C MET A 262 -17.11 -8.56 9.13
N GLU A 263 -17.29 -9.88 8.99
CA GLU A 263 -17.80 -10.46 7.76
C GLU A 263 -18.54 -11.76 8.07
N LEU A 264 -19.36 -12.21 7.13
CA LEU A 264 -20.09 -13.47 7.23
C LEU A 264 -20.64 -13.87 5.87
N ASP A 265 -20.34 -15.09 5.42
CA ASP A 265 -20.68 -15.56 4.07
C ASP A 265 -21.45 -16.87 4.17
N TYR A 266 -22.77 -16.80 4.23
CA TYR A 266 -23.58 -18.00 4.29
C TYR A 266 -23.90 -18.52 2.89
N LEU A 267 -24.19 -19.82 2.82
CA LEU A 267 -24.59 -20.48 1.57
C LEU A 267 -25.49 -21.66 1.92
N PRO A 268 -26.72 -21.69 1.39
CA PRO A 268 -27.69 -22.71 1.82
C PRO A 268 -27.25 -24.14 1.60
N SER A 269 -26.95 -24.52 0.36
CA SER A 269 -26.60 -25.90 0.05
C SER A 269 -25.90 -25.93 -1.31
N ASP A 270 -25.45 -27.12 -1.69
CA ASP A 270 -24.69 -27.33 -2.92
C ASP A 270 -25.22 -28.58 -3.63
N LYS A 271 -24.72 -28.79 -4.85
CA LYS A 271 -24.97 -30.01 -5.60
C LYS A 271 -23.69 -30.76 -5.96
N VAL A 272 -22.67 -30.05 -6.41
CA VAL A 272 -21.39 -30.68 -6.70
C VAL A 272 -20.77 -31.24 -5.42
N TYR A 273 -20.95 -30.55 -4.29
CA TYR A 273 -20.44 -31.08 -3.03
C TYR A 273 -21.24 -32.29 -2.57
N GLU A 274 -22.55 -32.32 -2.85
CA GLU A 274 -23.35 -33.51 -2.57
C GLU A 274 -23.00 -34.67 -3.49
N ASP A 275 -22.41 -34.41 -4.65
CA ASP A 275 -22.05 -35.47 -5.58
C ASP A 275 -20.63 -36.00 -5.39
N GLU A 276 -19.66 -35.11 -5.16
CA GLU A 276 -18.28 -35.55 -4.95
C GLU A 276 -18.09 -36.17 -3.57
N HIS A 277 -18.77 -35.63 -2.56
CA HIS A 277 -18.64 -36.10 -1.18
C HIS A 277 -20.02 -36.52 -0.70
N PRO A 278 -20.44 -37.75 -0.98
CA PRO A 278 -21.80 -38.18 -0.60
C PRO A 278 -21.92 -38.55 0.87
N ASN A 279 -23.07 -39.10 1.24
CA ASN A 279 -23.39 -39.62 2.58
C ASN A 279 -22.95 -38.67 3.69
N ASP A 280 -23.57 -37.49 3.69
CA ASP A 280 -23.42 -36.53 4.78
C ASP A 280 -24.79 -36.01 5.17
N ASP A 281 -24.87 -35.40 6.35
CA ASP A 281 -26.13 -34.87 6.86
C ASP A 281 -26.62 -33.72 5.97
N SER A 282 -25.82 -32.67 5.87
CA SER A 282 -26.14 -31.54 5.01
C SER A 282 -24.85 -30.90 4.53
N SER A 283 -24.93 -30.24 3.38
CA SER A 283 -23.80 -29.52 2.79
C SER A 283 -24.04 -28.04 2.93
N ARG A 284 -23.25 -27.37 3.77
CA ARG A 284 -23.38 -25.95 4.02
C ARG A 284 -22.01 -25.29 3.91
N ARG A 285 -22.01 -23.97 4.04
CA ARG A 285 -20.78 -23.19 4.00
C ARG A 285 -20.98 -21.95 4.86
N TRP A 286 -19.89 -21.50 5.48
CA TRP A 286 -19.92 -20.23 6.20
C TRP A 286 -18.50 -19.72 6.38
N LEU A 287 -18.38 -18.60 7.09
CA LEU A 287 -17.12 -17.93 7.34
C LEU A 287 -17.35 -16.92 8.46
N PHE A 288 -16.25 -16.46 9.06
CA PHE A 288 -16.34 -15.40 10.06
C PHE A 288 -14.97 -14.72 10.14
N TYR A 289 -14.90 -13.49 9.66
CA TYR A 289 -13.69 -12.68 9.73
C TYR A 289 -13.88 -11.55 10.73
N TRP A 290 -12.81 -11.19 11.42
CA TRP A 290 -12.83 -10.08 12.36
C TRP A 290 -11.41 -9.63 12.61
N ASN A 291 -11.12 -8.35 12.34
CA ASN A 291 -9.78 -7.79 12.49
C ASN A 291 -9.90 -6.45 13.22
N HIS A 292 -9.63 -6.46 14.52
CA HIS A 292 -9.71 -5.28 15.36
C HIS A 292 -8.31 -4.93 15.86
N SER A 293 -7.95 -3.66 15.80
CA SER A 293 -6.65 -3.22 16.30
C SER A 293 -6.72 -1.74 16.62
N GLY A 294 -6.62 -1.40 17.90
CA GLY A 294 -6.68 -0.02 18.32
C GLY A 294 -5.98 0.18 19.65
N VAL A 295 -5.85 1.44 20.04
CA VAL A 295 -5.22 1.80 21.31
C VAL A 295 -6.10 2.81 22.03
N MET A 296 -6.91 2.33 22.98
CA MET A 296 -7.76 3.22 23.76
C MET A 296 -6.93 4.09 24.68
N ASP A 297 -7.35 5.35 24.82
CA ASP A 297 -6.65 6.33 25.64
C ASP A 297 -5.18 6.41 25.24
N GLN A 298 -4.27 6.08 26.15
CA GLN A 298 -2.86 6.07 25.84
C GLN A 298 -2.12 4.87 26.41
N VAL A 299 -2.81 3.96 27.11
CA VAL A 299 -2.17 2.83 27.78
C VAL A 299 -2.72 1.50 27.28
N TRP A 300 -4.03 1.34 27.26
CA TRP A 300 -4.63 0.05 26.91
C TRP A 300 -4.42 -0.27 25.44
N ARG A 301 -4.23 -1.56 25.16
CA ARG A 301 -4.07 -2.05 23.80
C ARG A 301 -5.02 -3.22 23.56
N PHE A 302 -5.49 -3.36 22.33
CA PHE A 302 -6.46 -4.39 21.97
C PHE A 302 -6.08 -5.00 20.63
N ASN A 303 -6.50 -6.24 20.42
CA ASN A 303 -6.21 -6.95 19.17
C ASN A 303 -7.04 -8.22 19.03
N VAL A 304 -7.68 -8.41 17.88
CA VAL A 304 -8.39 -9.65 17.56
C VAL A 304 -8.09 -10.00 16.10
N ASP A 305 -7.90 -11.30 15.84
CA ASP A 305 -7.59 -11.78 14.50
C ASP A 305 -8.35 -13.07 14.18
N TYR A 306 -9.64 -13.11 14.51
CA TYR A 306 -10.43 -14.32 14.32
C TYR A 306 -10.56 -14.67 12.84
N THR A 307 -10.64 -15.97 12.56
CA THR A 307 -10.95 -16.48 11.22
C THR A 307 -11.39 -17.92 11.34
N LYS A 308 -12.64 -18.21 10.98
CA LYS A 308 -13.20 -19.56 11.11
C LYS A 308 -13.87 -19.96 9.81
N VAL A 309 -13.71 -21.23 9.44
CA VAL A 309 -14.28 -21.77 8.21
C VAL A 309 -14.99 -23.08 8.53
N SER A 310 -15.85 -23.51 7.61
CA SER A 310 -16.69 -24.67 7.84
C SER A 310 -16.01 -25.97 7.41
N ASP A 311 -15.65 -26.09 6.14
CA ASP A 311 -15.05 -27.30 5.60
C ASP A 311 -13.63 -27.03 5.13
N PRO A 312 -12.70 -27.97 5.31
CA PRO A 312 -11.30 -27.74 4.96
C PRO A 312 -11.01 -27.84 3.46
N SER A 313 -11.92 -27.29 2.65
CA SER A 313 -11.69 -27.16 1.21
C SER A 313 -12.22 -25.84 0.68
N TYR A 314 -12.53 -24.89 1.56
CA TYR A 314 -13.23 -23.67 1.14
C TYR A 314 -12.39 -22.86 0.17
N PHE A 315 -11.10 -22.69 0.46
CA PHE A 315 -10.29 -21.76 -0.30
C PHE A 315 -9.95 -22.30 -1.69
N ASN A 316 -9.90 -23.62 -1.85
CA ASN A 316 -9.76 -24.18 -3.20
C ASN A 316 -10.97 -23.82 -4.05
N ASP A 317 -12.15 -23.76 -3.42
CA ASP A 317 -13.40 -23.42 -4.15
C ASP A 317 -13.54 -21.90 -4.37
N PHE A 318 -14.75 -21.37 -4.25
CA PHE A 318 -15.02 -19.91 -4.45
C PHE A 318 -13.99 -19.06 -3.69
N ASP A 319 -13.38 -18.07 -4.36
CA ASP A 319 -12.29 -17.30 -3.68
C ASP A 319 -12.70 -16.08 -2.83
N ASN A 320 -11.93 -15.71 -1.77
CA ASN A 320 -12.18 -14.45 -1.01
C ASN A 320 -10.98 -13.51 -1.01
N LYS A 321 -11.26 -12.24 -0.68
CA LYS A 321 -10.20 -11.25 -0.54
C LYS A 321 -9.56 -11.25 0.85
N TYR A 322 -9.79 -12.35 1.68
CA TYR A 322 -9.15 -12.42 2.99
C TYR A 322 -8.31 -13.68 3.16
N GLY A 323 -8.15 -14.46 2.11
CA GLY A 323 -7.39 -15.70 2.16
C GLY A 323 -7.40 -16.39 0.81
N SER A 324 -6.29 -16.99 0.42
CA SER A 324 -6.18 -17.55 -0.92
C SER A 324 -5.82 -19.02 -0.89
N SER A 325 -5.53 -19.60 -2.06
CA SER A 325 -5.21 -21.02 -2.14
C SER A 325 -3.96 -21.34 -1.33
N THR A 326 -2.96 -20.47 -1.38
CA THR A 326 -1.72 -20.70 -0.65
C THR A 326 -1.94 -20.48 0.84
N ASP A 327 -2.37 -21.52 1.55
CA ASP A 327 -2.63 -21.39 2.98
C ASP A 327 -2.54 -22.77 3.62
N GLY A 328 -2.22 -22.78 4.91
CA GLY A 328 -2.08 -24.03 5.63
C GLY A 328 -2.95 -24.15 6.87
N TYR A 329 -3.33 -23.02 7.47
CA TYR A 329 -4.14 -23.05 8.68
C TYR A 329 -4.97 -21.77 8.75
N ALA A 330 -5.58 -21.53 9.91
CA ALA A 330 -6.43 -20.37 10.13
C ALA A 330 -6.23 -19.89 11.56
N THR A 331 -5.66 -18.69 11.72
CA THR A 331 -5.32 -18.17 13.03
C THR A 331 -6.57 -17.73 13.80
N GLN A 332 -6.49 -17.85 15.12
CA GLN A 332 -7.56 -17.38 16.02
C GLN A 332 -6.87 -16.83 17.26
N LYS A 333 -6.67 -15.51 17.32
CA LYS A 333 -5.90 -14.88 18.39
C LYS A 333 -6.66 -13.73 19.02
N PHE A 334 -6.45 -13.56 20.32
CA PHE A 334 -6.95 -12.43 21.10
C PHE A 334 -5.76 -11.68 21.68
N SER A 335 -6.05 -10.60 22.42
CA SER A 335 -5.02 -9.83 23.10
C SER A 335 -5.66 -8.77 23.97
N VAL A 336 -4.94 -8.39 25.03
CA VAL A 336 -5.30 -7.28 25.91
C VAL A 336 -4.01 -6.77 26.53
N GLY A 337 -3.84 -5.46 26.57
CA GLY A 337 -2.54 -4.94 26.95
C GLY A 337 -2.49 -3.72 27.85
N TYR A 338 -1.44 -3.64 28.66
CA TYR A 338 -1.11 -2.49 29.49
C TYR A 338 0.36 -2.16 29.29
N ALA A 339 0.67 -0.88 29.12
CA ALA A 339 2.06 -0.45 28.93
C ALA A 339 2.15 1.02 29.32
N VAL A 340 2.72 1.30 30.49
CA VAL A 340 2.76 2.68 30.94
C VAL A 340 3.98 3.39 30.38
N GLN A 341 5.16 3.09 30.92
CA GLN A 341 6.43 3.36 30.26
C GLN A 341 7.49 2.31 30.52
N ASN A 342 7.45 1.62 31.65
CA ASN A 342 8.41 0.60 32.02
C ASN A 342 7.69 -0.58 32.65
N PHE A 343 6.57 -0.98 32.06
CA PHE A 343 5.78 -2.09 32.56
C PHE A 343 4.96 -2.64 31.40
N ASN A 344 4.45 -3.85 31.59
CA ASN A 344 3.67 -4.51 30.55
C ASN A 344 2.77 -5.55 31.19
N ALA A 345 1.87 -6.09 30.38
CA ALA A 345 0.98 -7.18 30.76
C ALA A 345 0.24 -7.62 29.51
N THR A 346 -0.28 -8.84 29.53
CA THR A 346 -0.97 -9.39 28.38
C THR A 346 -1.67 -10.68 28.77
N VAL A 347 -2.91 -10.84 28.31
CA VAL A 347 -3.65 -12.09 28.46
C VAL A 347 -4.10 -12.49 27.06
N SER A 348 -3.29 -13.28 26.37
CA SER A 348 -3.56 -13.67 24.99
C SER A 348 -4.10 -15.10 24.95
N THR A 349 -4.51 -15.51 23.76
CA THR A 349 -5.08 -16.84 23.55
C THR A 349 -4.93 -17.19 22.08
N LYS A 350 -4.12 -18.19 21.78
CA LYS A 350 -3.87 -18.61 20.40
C LYS A 350 -4.36 -20.04 20.20
N GLN A 351 -5.24 -20.23 19.22
CA GLN A 351 -5.68 -21.54 18.78
C GLN A 351 -5.62 -21.58 17.26
N PHE A 352 -5.53 -22.79 16.71
CA PHE A 352 -5.35 -22.95 15.28
C PHE A 352 -6.25 -24.05 14.75
N GLN A 353 -6.38 -24.10 13.42
CA GLN A 353 -7.18 -25.09 12.73
C GLN A 353 -6.48 -25.44 11.43
N VAL A 354 -6.15 -26.71 11.24
CA VAL A 354 -5.34 -27.17 10.12
C VAL A 354 -6.27 -27.65 9.01
N PHE A 355 -6.04 -27.16 7.79
CA PHE A 355 -6.88 -27.54 6.66
C PHE A 355 -6.56 -28.95 6.19
N SER A 356 -5.31 -29.19 5.80
CA SER A 356 -4.91 -30.46 5.20
C SER A 356 -5.29 -31.64 6.08
N GLU A 357 -6.13 -32.52 5.54
CA GLU A 357 -6.62 -33.67 6.29
C GLU A 357 -5.69 -34.87 6.06
N GLN A 358 -4.48 -34.74 6.60
CA GLN A 358 -3.51 -35.83 6.64
C GLN A 358 -3.14 -36.21 8.05
N ASN A 359 -2.74 -35.25 8.88
CA ASN A 359 -2.46 -35.49 10.29
C ASN A 359 -2.88 -34.25 11.07
N THR A 360 -3.83 -34.41 11.98
CA THR A 360 -4.41 -33.29 12.72
C THR A 360 -4.11 -33.50 14.21
N SER A 361 -3.02 -32.89 14.68
CA SER A 361 -2.65 -32.95 16.09
C SER A 361 -2.12 -31.61 16.58
N SER A 362 -2.64 -30.51 16.02
CA SER A 362 -2.11 -29.20 16.35
C SER A 362 -2.37 -28.84 17.81
N TYR A 363 -1.45 -28.09 18.39
CA TYR A 363 -1.55 -27.64 19.76
C TYR A 363 -2.26 -26.30 19.83
N SER A 364 -2.37 -25.76 21.05
CA SER A 364 -3.02 -24.47 21.25
C SER A 364 -2.60 -23.92 22.60
N ALA A 365 -2.67 -22.60 22.75
CA ALA A 365 -2.24 -21.92 23.96
C ALA A 365 -3.45 -21.31 24.65
N GLU A 366 -3.62 -21.62 25.92
CA GLU A 366 -4.63 -21.03 26.78
C GLU A 366 -4.01 -19.80 27.45
N PRO A 367 -4.74 -19.01 28.30
CA PRO A 367 -4.27 -17.66 28.65
C PRO A 367 -2.80 -17.55 29.03
N GLN A 368 -2.06 -16.74 28.27
CA GLN A 368 -0.65 -16.49 28.52
C GLN A 368 -0.50 -15.39 29.57
N LEU A 369 0.72 -14.88 29.73
CA LEU A 369 1.01 -13.75 30.59
C LEU A 369 2.43 -13.30 30.33
N ASP A 370 2.64 -11.98 30.21
CA ASP A 370 3.96 -11.44 29.90
C ASP A 370 4.17 -10.16 30.70
N VAL A 371 4.87 -10.27 31.82
CA VAL A 371 5.23 -9.10 32.62
C VAL A 371 6.60 -8.60 32.17
N ASN A 372 6.93 -7.37 32.52
CA ASN A 372 8.22 -6.78 32.18
C ASN A 372 8.57 -5.71 33.21
N TYR A 373 9.78 -5.17 33.09
CA TYR A 373 10.27 -4.12 33.96
C TYR A 373 11.54 -3.55 33.36
N TYR A 374 11.75 -2.25 33.52
CA TYR A 374 12.78 -1.59 32.72
C TYR A 374 13.56 -0.53 33.50
N GLN A 375 13.81 -0.73 34.79
CA GLN A 375 14.62 0.22 35.53
C GLN A 375 16.02 0.32 34.92
N ASN A 376 16.50 1.56 34.73
CA ASN A 376 17.60 1.79 33.79
C ASN A 376 18.65 2.76 34.32
N ASP A 377 18.85 2.83 35.64
CA ASP A 377 19.85 3.76 36.15
C ASP A 377 20.67 3.22 37.31
N VAL A 378 20.51 1.95 37.69
CA VAL A 378 21.21 1.41 38.85
C VAL A 378 22.71 1.43 38.60
N GLY A 379 23.43 2.29 39.33
CA GLY A 379 24.84 2.45 39.14
C GLY A 379 25.17 2.76 37.69
N PRO A 380 26.12 2.03 37.12
CA PRO A 380 26.31 2.09 35.67
C PRO A 380 25.59 0.97 34.92
N PHE A 381 25.01 0.03 35.66
CA PHE A 381 24.39 -1.15 35.07
C PHE A 381 22.97 -0.84 34.60
N ASP A 382 22.26 -1.88 34.16
CA ASP A 382 20.85 -1.82 33.77
C ASP A 382 20.09 -2.88 34.55
N THR A 383 18.82 -3.09 34.18
CA THR A 383 17.98 -4.09 34.84
C THR A 383 16.80 -4.41 33.93
N ARG A 384 16.27 -5.63 34.08
CA ARG A 384 15.14 -6.11 33.29
C ARG A 384 14.67 -7.43 33.89
N ILE A 385 13.36 -7.68 33.80
CA ILE A 385 12.76 -8.93 34.26
C ILE A 385 11.73 -9.36 33.22
N TYR A 386 11.47 -10.68 33.20
CA TYR A 386 10.46 -11.26 32.31
C TYR A 386 9.59 -12.20 33.13
N GLY A 387 8.65 -12.86 32.45
CA GLY A 387 7.78 -13.81 33.11
C GLY A 387 6.79 -14.38 32.13
N GLN A 388 6.22 -15.52 32.50
CA GLN A 388 5.25 -16.19 31.64
C GLN A 388 4.51 -17.25 32.45
N ALA A 389 3.28 -17.55 32.00
CA ALA A 389 2.49 -18.62 32.61
C ALA A 389 1.49 -19.10 31.56
N VAL A 390 1.77 -20.26 30.96
CA VAL A 390 0.97 -20.77 29.86
C VAL A 390 0.47 -22.17 30.20
N HIS A 391 -0.62 -22.56 29.53
CA HIS A 391 -1.27 -23.85 29.76
C HIS A 391 -1.60 -24.47 28.40
N PHE A 392 -0.74 -25.35 27.90
CA PHE A 392 -0.96 -25.98 26.62
C PHE A 392 -2.05 -27.05 26.71
N VAL A 393 -2.83 -27.17 25.64
CA VAL A 393 -3.82 -28.22 25.52
C VAL A 393 -3.85 -28.72 24.08
N ASN A 394 -3.88 -30.03 23.91
CA ASN A 394 -3.97 -30.65 22.60
C ASN A 394 -5.39 -31.08 22.32
N THR A 395 -5.64 -31.24 20.95
CA THR A 395 -6.95 -31.49 20.30
C THR A 395 -7.44 -32.88 19.97
N ARG A 396 -6.97 -33.88 20.56
CA ARG A 396 -7.18 -35.26 20.45
C ARG A 396 -7.04 -35.69 21.84
N ASP A 397 -7.88 -36.52 22.24
CA ASP A 397 -7.82 -36.85 23.64
C ASP A 397 -6.53 -37.34 24.22
N ASP A 398 -5.42 -37.95 23.58
CA ASP A 398 -4.29 -38.49 24.29
C ASP A 398 -2.93 -37.87 24.19
N MET A 399 -2.72 -36.61 23.72
CA MET A 399 -1.38 -36.07 23.74
C MET A 399 -1.16 -35.20 24.98
N PRO A 400 0.06 -35.15 25.50
CA PRO A 400 0.27 -34.53 26.82
C PRO A 400 -0.13 -33.07 26.86
N GLU A 401 -0.63 -32.66 28.03
CA GLU A 401 -0.93 -31.27 28.34
C GLU A 401 -0.19 -30.89 29.61
N ALA A 402 0.25 -29.64 29.70
CA ALA A 402 1.16 -29.26 30.77
C ALA A 402 1.00 -27.78 31.08
N THR A 403 1.94 -27.25 31.86
CA THR A 403 1.93 -25.87 32.33
C THR A 403 3.37 -25.35 32.26
N ARG A 404 3.55 -24.05 32.48
CA ARG A 404 4.88 -23.47 32.38
C ARG A 404 4.94 -22.18 33.19
N VAL A 405 6.06 -21.98 33.87
CA VAL A 405 6.36 -20.74 34.60
C VAL A 405 7.79 -20.35 34.27
N HIS A 406 8.05 -19.06 34.07
CA HIS A 406 9.35 -18.60 33.61
C HIS A 406 9.77 -17.33 34.33
N LEU A 407 11.08 -17.13 34.41
CA LEU A 407 11.67 -15.92 34.98
C LEU A 407 12.99 -15.63 34.28
N GLU A 408 13.42 -14.37 34.34
CA GLU A 408 14.59 -13.99 33.54
C GLU A 408 15.26 -12.70 34.01
N PRO A 409 15.91 -12.68 35.16
CA PRO A 409 16.66 -11.48 35.57
C PRO A 409 17.90 -11.30 34.71
N THR A 410 18.11 -10.07 34.23
CA THR A 410 19.25 -9.76 33.38
C THR A 410 19.91 -8.46 33.84
N ILE A 411 21.15 -8.26 33.39
CA ILE A 411 21.96 -7.11 33.75
C ILE A 411 22.89 -6.78 32.59
N ASN A 412 22.96 -5.49 32.23
CA ASN A 412 23.89 -5.02 31.22
C ASN A 412 25.04 -4.26 31.87
N LEU A 413 25.95 -3.76 31.04
CA LEU A 413 27.00 -2.86 31.49
C LEU A 413 27.53 -2.15 30.26
N PRO A 414 26.80 -1.19 29.70
CA PRO A 414 27.19 -0.61 28.42
C PRO A 414 28.28 0.45 28.58
N LEU A 415 29.30 0.35 27.73
CA LEU A 415 30.32 1.38 27.57
C LEU A 415 30.12 2.03 26.21
N SER A 416 30.93 3.06 25.95
CA SER A 416 30.86 3.74 24.66
C SER A 416 32.12 4.57 24.48
N ASN A 417 32.28 5.08 23.27
CA ASN A 417 33.36 5.98 22.89
C ASN A 417 32.97 6.57 21.54
N ASN A 418 33.90 7.28 20.91
CA ASN A 418 33.63 7.78 19.56
C ASN A 418 33.82 6.73 18.49
N TRP A 419 34.48 5.60 18.80
CA TRP A 419 34.77 4.59 17.80
C TRP A 419 34.63 3.16 18.31
N GLY A 420 33.88 2.92 19.39
CA GLY A 420 33.81 1.58 19.92
C GLY A 420 32.63 1.41 20.84
N SER A 421 32.49 0.19 21.37
CA SER A 421 31.39 -0.15 22.26
C SER A 421 31.67 -1.50 22.89
N ILE A 422 31.07 -1.72 24.07
CA ILE A 422 31.14 -3.00 24.77
C ILE A 422 29.83 -3.18 25.51
N ASN A 423 29.28 -4.40 25.44
CA ASN A 423 27.92 -4.66 25.90
C ASN A 423 27.89 -5.94 26.74
N THR A 424 28.75 -6.02 27.75
CA THR A 424 28.79 -7.19 28.62
C THR A 424 27.42 -7.46 29.25
N GLU A 425 27.04 -8.73 29.31
CA GLU A 425 25.68 -9.13 29.67
C GLU A 425 25.73 -10.31 30.65
N ALA A 426 24.57 -10.62 31.22
CA ALA A 426 24.38 -11.78 32.08
C ALA A 426 22.90 -12.11 32.11
N LYS A 427 22.56 -13.26 32.69
CA LYS A 427 21.17 -13.69 32.75
C LYS A 427 21.08 -14.89 33.69
N LEU A 428 19.83 -15.30 33.99
CA LEU A 428 19.58 -16.49 34.78
C LEU A 428 18.18 -17.01 34.46
N LEU A 429 18.10 -18.07 33.66
CA LEU A 429 16.82 -18.60 33.24
C LEU A 429 16.28 -19.59 34.27
N ALA A 430 14.97 -19.83 34.21
CA ALA A 430 14.31 -20.77 35.10
C ALA A 430 12.99 -21.18 34.49
N THR A 431 12.52 -22.38 34.86
CA THR A 431 11.29 -22.93 34.29
C THR A 431 10.88 -24.14 35.13
N HIS A 432 9.56 -24.34 35.26
CA HIS A 432 9.01 -25.46 36.04
C HIS A 432 7.75 -25.98 35.34
N TYR A 433 7.87 -27.09 34.63
CA TYR A 433 6.71 -27.71 34.01
C TYR A 433 5.92 -28.53 35.02
N GLN A 434 4.76 -29.00 34.57
CA GLN A 434 3.97 -29.99 35.30
C GLN A 434 3.10 -30.70 34.26
N GLN A 435 3.53 -31.89 33.85
CA GLN A 435 2.86 -32.60 32.77
C GLN A 435 1.88 -33.63 33.31
N THR A 436 0.74 -33.75 32.64
CA THR A 436 -0.27 -34.72 33.02
C THR A 436 -0.81 -35.38 31.77
N ASN A 437 -1.62 -36.43 31.97
CA ASN A 437 -2.18 -37.24 30.88
C ASN A 437 -1.06 -37.88 30.06
N LEU A 438 -0.19 -38.62 30.73
CA LEU A 438 0.91 -39.34 30.10
C LEU A 438 0.66 -40.83 30.22
N ASP A 439 -0.14 -41.38 29.32
CA ASP A 439 -0.34 -42.82 29.30
C ASP A 439 0.07 -43.39 27.95
N TRP A 440 -0.49 -42.84 26.88
CA TRP A 440 -0.26 -43.37 25.54
C TRP A 440 1.18 -43.17 25.10
N TYR A 441 1.69 -41.94 25.24
CA TYR A 441 3.05 -41.66 24.79
C TYR A 441 4.07 -42.44 25.61
N ASN A 442 3.85 -42.54 26.92
CA ASN A 442 4.76 -43.31 27.76
C ASN A 442 4.72 -44.79 27.40
N SER A 443 3.53 -45.33 27.13
CA SER A 443 3.43 -46.75 26.80
C SER A 443 4.08 -47.06 25.46
N ARG A 444 3.93 -46.17 24.48
CA ARG A 444 4.37 -46.48 23.12
C ARG A 444 5.88 -46.32 22.96
N ASN A 445 6.39 -45.11 23.14
CA ASN A 445 7.77 -44.84 22.80
C ASN A 445 8.71 -45.24 23.95
N THR A 446 10.01 -45.08 23.70
CA THR A 446 11.02 -45.55 24.65
C THR A 446 11.27 -44.52 25.75
N THR A 447 11.71 -43.32 25.39
CA THR A 447 12.01 -42.30 26.38
C THR A 447 10.75 -41.89 27.13
N LYS A 448 10.84 -41.85 28.45
CA LYS A 448 9.68 -41.66 29.32
C LYS A 448 9.68 -40.24 29.87
N LEU A 449 8.52 -39.59 29.81
CA LEU A 449 8.36 -38.26 30.36
C LEU A 449 7.95 -38.34 31.82
N ASP A 450 8.36 -37.33 32.60
CA ASP A 450 8.04 -37.26 34.01
C ASP A 450 7.12 -36.09 34.29
N GLU A 451 6.65 -36.01 35.54
CA GLU A 451 5.60 -35.08 35.92
C GLU A 451 6.11 -33.83 36.63
N SER A 452 7.42 -33.67 36.77
CA SER A 452 7.96 -32.48 37.44
C SER A 452 9.40 -32.28 36.99
N VAL A 453 9.66 -31.20 36.28
CA VAL A 453 11.00 -30.88 35.79
C VAL A 453 11.34 -29.45 36.17
N ASN A 454 12.64 -29.16 36.20
CA ASN A 454 13.16 -27.83 36.47
C ASN A 454 14.37 -27.58 35.59
N ARG A 455 14.76 -26.32 35.47
CA ARG A 455 15.85 -25.96 34.57
C ARG A 455 16.39 -24.59 34.97
N VAL A 456 17.65 -24.54 35.40
CA VAL A 456 18.32 -23.29 35.75
C VAL A 456 19.66 -23.24 35.01
N MET A 457 19.83 -22.22 34.15
CA MET A 457 21.02 -22.10 33.32
C MET A 457 21.45 -20.66 33.14
N PRO A 458 22.68 -20.30 33.54
CA PRO A 458 23.16 -18.93 33.35
C PRO A 458 23.53 -18.61 31.92
N GLN A 459 24.10 -17.42 31.69
CA GLN A 459 24.55 -17.03 30.36
C GLN A 459 25.65 -15.99 30.53
N PHE A 460 26.29 -15.65 29.41
CA PHE A 460 27.38 -14.68 29.38
C PHE A 460 27.61 -14.27 27.93
N LYS A 461 27.79 -12.98 27.69
CA LYS A 461 27.91 -12.47 26.33
C LYS A 461 28.72 -11.18 26.34
N VAL A 462 29.67 -11.05 25.41
CA VAL A 462 30.49 -9.87 25.26
C VAL A 462 30.42 -9.40 23.82
N ASP A 463 30.27 -8.10 23.61
CA ASP A 463 30.13 -7.53 22.28
C ASP A 463 31.26 -6.54 22.01
N GLY A 464 31.23 -5.95 20.82
CA GLY A 464 32.26 -4.99 20.44
C GLY A 464 31.95 -4.42 19.07
N LYS A 465 32.71 -3.39 18.71
CA LYS A 465 32.52 -2.68 17.45
C LYS A 465 33.66 -1.70 17.26
N MET A 466 33.84 -1.27 16.01
CA MET A 466 34.82 -0.26 15.64
C MET A 466 34.34 0.40 14.36
N VAL A 467 34.94 1.54 14.02
CA VAL A 467 34.60 2.26 12.79
C VAL A 467 35.86 2.93 12.26
N PHE A 468 36.11 2.78 10.96
CA PHE A 468 37.20 3.46 10.26
C PHE A 468 36.63 4.33 9.16
N GLU A 469 37.48 5.16 8.56
CA GLU A 469 37.02 6.11 7.55
C GLU A 469 38.16 6.45 6.60
N ARG A 470 37.78 6.95 5.43
CA ARG A 470 38.74 7.40 4.42
C ARG A 470 38.04 8.38 3.49
N ASP A 471 38.85 9.17 2.78
CA ASP A 471 38.36 10.09 1.75
C ASP A 471 38.83 9.57 0.40
N MET A 472 37.91 9.01 -0.38
CA MET A 472 38.27 8.32 -1.61
C MET A 472 38.94 9.25 -2.61
N GLU A 473 40.25 9.06 -2.83
CA GLU A 473 40.97 9.79 -3.85
C GLU A 473 40.68 9.22 -5.23
N MET A 474 40.32 7.94 -5.30
CA MET A 474 40.00 7.27 -6.55
C MET A 474 38.90 7.96 -7.36
N LEU A 475 38.37 7.27 -8.38
CA LEU A 475 37.49 7.85 -9.40
C LEU A 475 36.52 8.89 -8.86
N ALA A 476 35.89 8.62 -7.71
CA ALA A 476 34.93 9.55 -7.14
C ALA A 476 35.63 10.50 -6.19
N PRO A 477 35.66 11.80 -6.48
CA PRO A 477 36.27 12.75 -5.55
C PRO A 477 35.27 13.28 -4.53
N GLY A 478 35.58 13.12 -3.24
CA GLY A 478 34.70 13.57 -2.17
C GLY A 478 33.83 12.49 -1.57
N TYR A 479 33.97 11.25 -1.99
CA TYR A 479 33.23 10.14 -1.42
C TYR A 479 34.01 9.53 -0.27
N THR A 480 33.31 9.14 0.79
CA THR A 480 33.92 8.59 1.99
C THR A 480 33.55 7.12 2.13
N GLN A 481 34.49 6.33 2.64
CA GLN A 481 34.32 4.89 2.81
C GLN A 481 34.54 4.51 4.27
N THR A 482 33.69 3.65 4.79
CA THR A 482 33.78 3.18 6.17
C THR A 482 33.95 1.67 6.19
N LEU A 483 34.43 1.15 7.32
CA LEU A 483 34.72 -0.28 7.45
C LEU A 483 34.63 -0.64 8.93
N GLU A 484 33.52 -1.27 9.33
CA GLU A 484 33.27 -1.57 10.73
C GLU A 484 33.38 -3.06 11.01
N PRO A 485 34.42 -3.52 11.73
CA PRO A 485 34.45 -4.93 12.16
C PRO A 485 33.50 -5.21 13.31
N ARG A 486 33.50 -6.44 13.82
CA ARG A 486 32.66 -6.82 14.95
C ARG A 486 33.16 -8.14 15.52
N ALA A 487 32.61 -8.49 16.68
CA ALA A 487 32.95 -9.73 17.37
C ALA A 487 31.83 -10.05 18.36
N GLN A 488 31.95 -11.19 19.02
CA GLN A 488 30.95 -11.64 20.00
C GLN A 488 31.50 -12.85 20.74
N TYR A 489 30.69 -13.35 21.67
CA TYR A 489 30.99 -14.57 22.42
C TYR A 489 29.67 -15.13 22.94
N LEU A 490 29.74 -16.28 23.60
CA LEU A 490 28.54 -16.92 24.13
C LEU A 490 28.96 -18.07 25.03
N TYR A 491 28.13 -18.35 26.05
CA TYR A 491 28.36 -19.51 26.91
C TYR A 491 27.04 -19.87 27.58
N VAL A 492 26.43 -20.98 27.16
CA VAL A 492 25.25 -21.53 27.82
C VAL A 492 25.55 -22.98 28.20
N PRO A 493 25.54 -23.33 29.48
CA PRO A 493 25.86 -24.70 29.89
C PRO A 493 24.89 -25.71 29.31
N TYR A 494 25.24 -26.98 29.46
CA TYR A 494 24.48 -28.08 28.89
C TYR A 494 23.64 -28.76 29.96
N ARG A 495 22.34 -28.89 29.70
CA ARG A 495 21.42 -29.61 30.56
C ARG A 495 20.57 -30.54 29.71
N ASP A 496 20.40 -31.78 30.17
CA ASP A 496 19.63 -32.77 29.42
C ASP A 496 18.17 -32.37 29.38
N GLN A 497 17.60 -32.36 28.17
CA GLN A 497 16.24 -31.91 27.95
C GLN A 497 15.44 -32.94 27.17
N SER A 498 15.60 -34.21 27.51
CA SER A 498 14.86 -35.29 26.87
C SER A 498 13.56 -35.63 27.58
N ASP A 499 13.28 -34.97 28.70
CA ASP A 499 12.06 -35.19 29.47
C ASP A 499 11.06 -34.05 29.32
N ILE A 500 11.11 -33.33 28.21
CA ILE A 500 10.29 -32.15 28.00
C ILE A 500 9.79 -32.21 26.57
N TYR A 501 8.49 -32.44 26.40
CA TYR A 501 7.93 -32.53 25.06
C TYR A 501 8.07 -31.20 24.33
N ASN A 502 8.32 -31.27 23.02
CA ASN A 502 8.52 -30.09 22.19
C ASN A 502 7.15 -29.49 21.87
N TYR A 503 6.80 -28.40 22.56
CA TYR A 503 5.50 -27.76 22.33
C TYR A 503 5.57 -26.62 21.32
N ASP A 504 6.45 -25.64 21.56
CA ASP A 504 6.52 -24.42 20.74
C ASP A 504 7.96 -24.08 20.38
N SER A 505 8.72 -25.06 19.90
CA SER A 505 10.10 -24.85 19.50
C SER A 505 10.29 -25.19 18.03
N SER A 506 10.99 -24.32 17.31
CA SER A 506 11.31 -24.52 15.90
C SER A 506 12.71 -24.01 15.62
N LEU A 507 13.30 -24.54 14.55
CA LEU A 507 14.67 -24.17 14.18
C LEU A 507 14.66 -22.87 13.39
N LEU A 508 15.52 -21.93 13.79
CA LEU A 508 15.55 -20.60 13.19
C LEU A 508 16.48 -20.56 11.98
N GLN A 509 16.33 -19.49 11.19
CA GLN A 509 17.19 -19.23 10.06
C GLN A 509 18.39 -18.39 10.50
N SER A 510 19.31 -18.13 9.57
CA SER A 510 20.51 -17.36 9.91
C SER A 510 20.95 -16.57 8.67
N ASP A 511 20.49 -15.33 8.59
CA ASP A 511 21.01 -14.38 7.62
C ASP A 511 22.19 -13.65 8.26
N TYR A 512 22.67 -12.57 7.63
CA TYR A 512 23.76 -11.83 8.24
C TYR A 512 23.32 -11.15 9.53
N SER A 513 22.11 -10.58 9.55
CA SER A 513 21.62 -9.94 10.76
C SER A 513 21.37 -10.96 11.87
N GLY A 514 20.91 -12.15 11.51
CA GLY A 514 20.65 -13.17 12.52
C GLY A 514 21.87 -13.91 13.00
N LEU A 515 23.05 -13.63 12.44
CA LEU A 515 24.26 -14.29 12.90
C LEU A 515 24.55 -13.97 14.35
N PHE A 516 24.38 -12.72 14.75
CA PHE A 516 24.66 -12.28 16.12
C PHE A 516 23.39 -12.43 16.94
N ARG A 517 23.25 -13.58 17.59
CA ARG A 517 22.07 -13.88 18.37
C ARG A 517 22.43 -14.91 19.42
N ASP A 518 21.59 -15.00 20.46
CA ASP A 518 21.80 -15.93 21.56
C ASP A 518 20.82 -17.08 21.56
N ARG A 519 20.04 -17.25 20.50
CA ARG A 519 19.01 -18.28 20.44
C ARG A 519 19.10 -19.03 19.11
N THR A 520 19.03 -20.35 19.19
CA THR A 520 18.94 -21.20 18.01
C THR A 520 17.53 -21.69 17.75
N TYR A 521 16.79 -22.03 18.79
CA TYR A 521 15.40 -22.44 18.70
C TYR A 521 14.51 -21.33 19.23
N GLY A 522 13.45 -21.02 18.49
CA GLY A 522 12.46 -20.10 18.97
C GLY A 522 11.67 -20.68 20.12
N GLY A 523 10.95 -19.81 20.82
CA GLY A 523 10.21 -20.25 21.97
C GLY A 523 11.12 -20.50 23.17
N LEU A 524 10.56 -21.20 24.15
CA LEU A 524 11.24 -21.43 25.41
C LEU A 524 11.31 -22.90 25.80
N ASP A 525 11.02 -23.81 24.88
CA ASP A 525 10.95 -25.23 25.22
C ASP A 525 12.32 -25.89 25.17
N ARG A 526 13.08 -25.65 24.11
CA ARG A 526 14.40 -26.24 23.93
C ARG A 526 15.43 -25.14 23.73
N ILE A 527 16.51 -25.20 24.51
CA ILE A 527 17.59 -24.23 24.43
C ILE A 527 18.88 -25.00 24.21
N ALA A 528 19.63 -24.64 23.16
CA ALA A 528 20.85 -25.34 22.81
C ALA A 528 22.03 -24.77 23.56
N SER A 529 23.07 -25.58 23.72
CA SER A 529 24.33 -25.14 24.30
C SER A 529 25.11 -24.31 23.27
N ALA A 530 26.15 -23.63 23.74
CA ALA A 530 26.90 -22.76 22.84
C ALA A 530 28.27 -22.45 23.43
N ASN A 531 29.26 -22.41 22.54
CA ASN A 531 30.59 -21.89 22.86
C ASN A 531 31.16 -21.08 21.69
N GLN A 532 30.28 -20.43 20.93
CA GLN A 532 30.64 -19.87 19.64
C GLN A 532 31.44 -18.59 19.78
N VAL A 533 32.11 -18.21 18.68
CA VAL A 533 32.79 -16.92 18.55
C VAL A 533 32.49 -16.35 17.16
N THR A 534 31.53 -15.44 17.07
CA THR A 534 31.13 -14.88 15.79
C THR A 534 32.11 -13.79 15.35
N THR A 535 32.03 -13.42 14.08
CA THR A 535 32.85 -12.33 13.52
C THR A 535 32.05 -11.69 12.39
N GLY A 536 32.67 -10.79 11.64
CA GLY A 536 32.05 -10.18 10.50
C GLY A 536 32.50 -8.74 10.31
N VAL A 537 32.50 -8.29 9.05
CA VAL A 537 32.87 -6.93 8.68
C VAL A 537 31.78 -6.33 7.80
N THR A 538 31.77 -5.01 7.72
CA THR A 538 30.77 -4.28 6.95
C THR A 538 31.39 -3.01 6.39
N SER A 539 31.26 -2.80 5.09
CA SER A 539 31.74 -1.60 4.43
C SER A 539 30.56 -0.76 3.95
N ARG A 540 30.85 0.48 3.61
CA ARG A 540 29.80 1.43 3.24
C ARG A 540 30.39 2.64 2.52
N ILE A 541 29.87 2.99 1.35
CA ILE A 541 30.36 4.11 0.57
C ILE A 541 29.31 5.21 0.63
N TYR A 542 29.67 6.34 1.23
CA TYR A 542 28.77 7.47 1.37
C TYR A 542 28.92 8.40 0.18
N ASP A 543 27.88 9.20 -0.04
CA ASP A 543 27.92 10.24 -1.05
C ASP A 543 28.56 11.49 -0.45
N ASP A 544 28.56 12.60 -1.19
CA ASP A 544 29.13 13.83 -0.65
C ASP A 544 28.22 14.41 0.44
N ALA A 545 26.90 14.43 0.20
CA ALA A 545 25.96 14.93 1.20
C ALA A 545 25.40 13.80 2.06
N ALA A 546 26.29 12.94 2.57
CA ALA A 546 25.96 11.87 3.51
C ALA A 546 24.71 11.09 3.08
N VAL A 547 24.79 10.47 1.91
CA VAL A 547 23.74 9.60 1.40
C VAL A 547 24.38 8.24 1.08
N GLU A 548 24.13 7.26 1.94
CA GLU A 548 24.71 5.94 1.75
C GLU A 548 24.11 5.24 0.53
N ARG A 549 24.96 4.60 -0.26
CA ARG A 549 24.49 3.90 -1.45
C ARG A 549 25.22 2.58 -1.68
N PHE A 550 25.75 1.96 -0.63
CA PHE A 550 26.46 0.69 -0.77
C PHE A 550 26.65 0.00 0.57
N ASN A 551 26.21 -1.25 0.69
CA ASN A 551 26.42 -2.04 1.90
C ASN A 551 26.81 -3.44 1.50
N ILE A 552 28.01 -3.87 1.89
CA ILE A 552 28.41 -5.27 1.73
C ILE A 552 28.64 -5.85 3.11
N SER A 553 28.58 -7.18 3.22
CA SER A 553 28.67 -7.80 4.52
C SER A 553 29.09 -9.26 4.38
N VAL A 554 29.97 -9.70 5.28
CA VAL A 554 30.39 -11.08 5.41
C VAL A 554 30.36 -11.44 6.89
N GLY A 555 30.35 -12.74 7.19
CA GLY A 555 30.34 -13.17 8.57
C GLY A 555 30.31 -14.68 8.75
N GLN A 556 31.04 -15.18 9.73
CA GLN A 556 31.19 -16.61 9.95
C GLN A 556 30.85 -16.93 11.41
N ILE A 557 31.08 -18.19 11.78
CA ILE A 557 30.88 -18.67 13.14
C ILE A 557 31.87 -19.81 13.39
N TYR A 558 32.49 -19.81 14.57
CA TYR A 558 33.49 -20.82 14.92
C TYR A 558 33.01 -21.57 16.16
N TYR A 559 32.41 -22.75 15.95
CA TYR A 559 31.92 -23.55 17.06
C TYR A 559 33.09 -24.22 17.78
N PHE A 560 33.31 -23.84 19.04
CA PHE A 560 34.29 -24.54 19.86
C PHE A 560 33.78 -25.89 20.34
N THR A 561 32.46 -26.03 20.47
CA THR A 561 31.84 -27.29 20.86
C THR A 561 30.40 -27.28 20.36
N GLU A 562 29.96 -28.43 19.84
CA GLU A 562 28.66 -28.51 19.21
C GLU A 562 27.54 -28.23 20.21
N SER A 563 26.36 -27.93 19.68
CA SER A 563 25.18 -27.63 20.48
C SER A 563 24.34 -28.89 20.60
N ARG A 564 24.31 -29.47 21.80
CA ARG A 564 23.58 -30.70 22.08
C ARG A 564 22.45 -30.39 23.05
N THR A 565 21.22 -30.35 22.54
CA THR A 565 20.07 -30.03 23.35
C THR A 565 19.50 -31.23 24.10
N GLY A 566 20.00 -32.45 23.79
CA GLY A 566 19.51 -33.67 24.40
C GLY A 566 18.65 -34.51 23.48
N ASP A 567 18.03 -33.89 22.47
CA ASP A 567 17.28 -34.60 21.44
C ASP A 567 17.75 -34.06 20.09
N ASP A 568 18.85 -34.62 19.59
CA ASP A 568 19.45 -34.16 18.34
C ASP A 568 19.01 -35.07 17.18
N ASN A 569 17.74 -34.92 16.81
CA ASN A 569 17.15 -35.71 15.73
C ASN A 569 17.18 -34.91 14.43
N ILE A 570 18.41 -34.63 13.99
CA ILE A 570 18.66 -33.97 12.71
C ILE A 570 19.61 -34.83 11.89
N THR A 571 19.34 -34.94 10.60
CA THR A 571 20.06 -35.84 9.71
C THR A 571 20.80 -35.04 8.63
N TRP A 572 22.03 -34.65 8.93
CA TRP A 572 22.88 -34.00 7.93
C TRP A 572 23.60 -35.04 7.09
N GLU A 573 24.34 -34.56 6.09
CA GLU A 573 25.14 -35.46 5.26
C GLU A 573 26.45 -35.82 5.95
N ASN A 574 27.29 -34.81 6.21
CA ASN A 574 28.52 -35.00 6.96
C ASN A 574 28.32 -34.44 8.36
N ASP A 575 28.57 -35.27 9.38
CA ASP A 575 28.29 -34.90 10.77
C ASP A 575 29.59 -34.45 11.44
N ASP A 576 29.95 -33.20 11.21
CA ASP A 576 31.05 -32.55 11.91
C ASP A 576 30.51 -31.69 13.03
N LYS A 577 31.34 -31.48 14.05
CA LYS A 577 30.92 -30.79 15.26
C LYS A 577 31.57 -29.41 15.41
N THR A 578 32.89 -29.35 15.37
CA THR A 578 33.59 -28.08 15.56
C THR A 578 34.22 -27.62 14.25
N GLY A 579 34.41 -26.31 14.14
CA GLY A 579 34.99 -25.73 12.95
C GLY A 579 34.14 -24.61 12.38
N SER A 580 34.71 -23.78 11.52
CA SER A 580 33.94 -22.73 10.87
C SER A 580 32.83 -23.33 10.03
N LEU A 581 31.59 -23.17 10.46
CA LEU A 581 30.47 -23.91 9.87
C LEU A 581 29.54 -23.04 9.03
N VAL A 582 29.07 -21.92 9.56
CA VAL A 582 28.06 -21.12 8.89
C VAL A 582 28.73 -19.90 8.24
N TRP A 583 28.09 -19.41 7.17
CA TRP A 583 28.54 -18.20 6.50
C TRP A 583 27.31 -17.43 6.04
N ALA A 584 27.51 -16.19 5.62
CA ALA A 584 26.41 -15.34 5.19
C ALA A 584 26.93 -14.29 4.23
N GLY A 585 26.03 -13.43 3.77
CA GLY A 585 26.38 -12.37 2.85
C GLY A 585 25.21 -11.44 2.66
N ASP A 586 25.49 -10.32 1.97
CA ASP A 586 24.49 -9.29 1.75
C ASP A 586 25.06 -8.26 0.78
N THR A 587 24.15 -7.52 0.14
CA THR A 587 24.54 -6.40 -0.70
C THR A 587 23.33 -5.51 -0.92
N TYR A 588 23.59 -4.25 -1.27
CA TYR A 588 22.52 -3.31 -1.58
C TYR A 588 23.12 -2.16 -2.39
N TRP A 589 22.73 -2.05 -3.65
CA TRP A 589 23.19 -0.98 -4.52
C TRP A 589 22.03 -0.07 -4.85
N ARG A 590 22.31 1.24 -4.93
CA ARG A 590 21.28 2.27 -5.10
C ARG A 590 21.67 3.18 -6.27
N ILE A 591 21.94 2.55 -7.43
CA ILE A 591 22.54 3.19 -8.59
C ILE A 591 22.03 4.60 -8.82
N SER A 592 20.72 4.78 -8.79
CA SER A 592 20.13 6.10 -8.93
C SER A 592 18.82 6.14 -8.16
N GLU A 593 18.03 7.19 -8.39
CA GLU A 593 16.73 7.30 -7.75
C GLU A 593 15.67 6.44 -8.44
N ARG A 594 15.96 5.90 -9.62
CA ARG A 594 15.02 5.08 -10.37
C ARG A 594 15.63 3.73 -10.71
N TRP A 595 16.30 3.12 -9.75
CA TRP A 595 16.90 1.80 -9.93
C TRP A 595 16.98 1.12 -8.56
N GLY A 596 17.73 0.04 -8.48
CA GLY A 596 17.91 -0.67 -7.24
C GLY A 596 18.50 -2.04 -7.48
N LEU A 597 18.96 -2.65 -6.39
CA LEU A 597 19.56 -3.97 -6.46
C LEU A 597 19.72 -4.50 -5.05
N ARG A 598 19.34 -5.77 -4.84
CA ARG A 598 19.51 -6.41 -3.54
C ARG A 598 20.13 -7.79 -3.70
N GLY A 599 20.25 -8.53 -2.63
CA GLY A 599 20.86 -9.86 -2.71
C GLY A 599 20.92 -10.50 -1.34
N GLY A 600 21.53 -11.69 -1.33
CA GLY A 600 21.68 -12.45 -0.11
C GLY A 600 22.10 -13.87 -0.41
N ILE A 601 22.79 -14.52 0.52
CA ILE A 601 23.29 -15.87 0.31
C ILE A 601 23.65 -16.45 1.66
N GLN A 602 23.45 -17.76 1.80
CA GLN A 602 23.85 -18.49 3.00
C GLN A 602 24.74 -19.66 2.58
N TYR A 603 25.20 -20.40 3.58
CA TYR A 603 26.05 -21.56 3.33
C TYR A 603 26.10 -22.38 4.61
N ASP A 604 26.60 -23.61 4.47
CA ASP A 604 26.79 -24.47 5.63
C ASP A 604 27.70 -25.64 5.28
N THR A 605 28.77 -25.82 6.05
CA THR A 605 29.69 -26.92 5.80
C THR A 605 29.12 -28.27 6.21
N ARG A 606 28.03 -28.29 6.98
CA ARG A 606 27.35 -29.53 7.31
C ARG A 606 26.43 -30.03 6.22
N LEU A 607 26.16 -29.19 5.21
CA LEU A 607 25.34 -29.58 4.07
C LEU A 607 26.14 -29.72 2.78
N ASP A 608 27.32 -29.09 2.71
CA ASP A 608 28.17 -29.12 1.51
C ASP A 608 27.45 -28.52 0.30
N ASN A 609 26.56 -27.56 0.53
CA ASN A 609 25.80 -26.95 -0.56
C ASN A 609 25.21 -25.64 -0.06
N VAL A 610 25.09 -24.68 -0.99
CA VAL A 610 24.42 -23.42 -0.68
C VAL A 610 23.00 -23.72 -0.24
N ALA A 611 22.54 -23.03 0.80
CA ALA A 611 21.23 -23.31 1.37
C ALA A 611 20.16 -22.31 0.96
N THR A 612 20.52 -21.08 0.61
CA THR A 612 19.54 -20.10 0.16
C THR A 612 20.25 -19.04 -0.66
N SER A 613 19.48 -18.33 -1.47
CA SER A 613 20.00 -17.25 -2.30
C SER A 613 18.84 -16.42 -2.83
N ASN A 614 19.03 -15.11 -2.87
CA ASN A 614 18.04 -14.18 -3.40
C ASN A 614 18.69 -13.33 -4.49
N SER A 615 17.88 -12.44 -5.07
CA SER A 615 18.34 -11.44 -6.03
C SER A 615 17.15 -10.57 -6.38
N SER A 616 17.43 -9.42 -7.00
CA SER A 616 16.37 -8.50 -7.39
C SER A 616 16.97 -7.39 -8.25
N ILE A 617 16.09 -6.67 -8.94
CA ILE A 617 16.43 -5.47 -9.70
C ILE A 617 15.11 -4.78 -10.02
N GLU A 618 15.13 -3.45 -10.14
CA GLU A 618 13.89 -2.71 -10.31
C GLU A 618 14.16 -1.45 -11.12
N TYR A 619 13.08 -0.87 -11.64
CA TYR A 619 13.10 0.43 -12.30
C TYR A 619 11.73 1.03 -12.11
N ARG A 620 11.64 2.20 -11.50
CA ARG A 620 10.35 2.80 -11.13
C ARG A 620 10.37 4.30 -11.48
N ARG A 621 9.93 4.63 -12.69
CA ARG A 621 9.82 6.03 -13.07
C ARG A 621 8.61 6.70 -12.41
N ASP A 622 7.53 5.96 -12.23
CA ASP A 622 6.31 6.50 -11.65
C ASP A 622 5.50 5.34 -11.07
N GLU A 623 4.23 5.60 -10.78
CA GLU A 623 3.34 4.57 -10.26
C GLU A 623 2.78 3.67 -11.36
N ASP A 624 3.16 3.90 -12.61
CA ASP A 624 2.59 3.13 -13.73
C ASP A 624 3.63 2.45 -14.61
N ARG A 625 4.88 2.87 -14.60
CA ARG A 625 5.95 2.22 -15.36
C ARG A 625 6.90 1.54 -14.39
N LEU A 626 7.09 0.24 -14.57
CA LEU A 626 8.02 -0.49 -13.70
C LEU A 626 8.32 -1.85 -14.32
N VAL A 627 9.53 -2.34 -14.03
CA VAL A 627 9.98 -3.66 -14.43
C VAL A 627 10.67 -4.28 -13.22
N GLN A 628 10.73 -5.61 -13.19
CA GLN A 628 11.35 -6.30 -12.06
C GLN A 628 11.82 -7.68 -12.50
N LEU A 629 12.84 -8.17 -11.80
CA LEU A 629 13.30 -9.55 -11.94
C LEU A 629 13.73 -10.04 -10.56
N ASN A 630 13.70 -11.35 -10.37
CA ASN A 630 14.05 -11.90 -9.07
C ASN A 630 14.40 -13.38 -9.22
N TYR A 631 15.05 -13.91 -8.19
CA TYR A 631 15.47 -15.30 -8.14
C TYR A 631 15.41 -15.79 -6.70
N ARG A 632 15.17 -17.09 -6.54
CA ARG A 632 15.10 -17.70 -5.22
C ARG A 632 15.71 -19.09 -5.29
N TYR A 633 16.10 -19.61 -4.12
CA TYR A 633 16.74 -20.92 -4.10
C TYR A 633 16.61 -21.54 -2.72
N ALA A 634 16.54 -22.87 -2.69
CA ALA A 634 16.55 -23.63 -1.43
C ALA A 634 16.97 -25.04 -1.76
N SER A 635 18.16 -25.45 -1.29
CA SER A 635 18.69 -26.75 -1.65
C SER A 635 17.84 -27.88 -1.08
N PRO A 636 17.74 -29.01 -1.78
CA PRO A 636 16.94 -30.13 -1.26
C PRO A 636 17.43 -30.64 0.08
N GLU A 637 18.72 -30.51 0.38
CA GLU A 637 19.22 -30.92 1.69
C GLU A 637 18.64 -30.07 2.80
N TYR A 638 18.34 -28.80 2.52
CA TYR A 638 17.67 -27.96 3.52
C TYR A 638 16.30 -28.51 3.87
N ILE A 639 15.52 -28.88 2.86
CA ILE A 639 14.15 -29.37 3.06
C ILE A 639 14.21 -30.77 3.65
N GLN A 640 15.34 -31.45 3.48
CA GLN A 640 15.54 -32.74 4.10
C GLN A 640 15.95 -32.66 5.56
N ALA A 641 16.67 -31.61 5.97
CA ALA A 641 17.16 -31.49 7.34
C ALA A 641 16.37 -30.50 8.19
N THR A 642 15.35 -29.85 7.63
CA THR A 642 14.61 -28.91 8.47
C THR A 642 13.12 -29.20 8.55
N LEU A 643 12.49 -29.53 7.42
CA LEU A 643 11.05 -29.74 7.37
C LEU A 643 10.71 -31.15 7.84
N PRO A 644 9.42 -31.43 8.12
CA PRO A 644 9.03 -32.76 8.61
C PRO A 644 9.45 -33.90 7.71
N LYS A 645 9.30 -35.13 8.21
CA LYS A 645 9.88 -36.31 7.57
C LYS A 645 9.17 -36.72 6.29
N TYR A 646 7.90 -36.37 6.10
CA TYR A 646 7.20 -36.74 4.89
C TYR A 646 7.43 -35.73 3.77
N TYR A 647 8.20 -34.66 4.02
CA TYR A 647 8.59 -33.72 2.99
C TYR A 647 9.80 -34.20 2.20
N SER A 648 10.38 -35.35 2.56
CA SER A 648 11.60 -35.81 1.94
C SER A 648 11.41 -37.05 1.07
N THR A 649 10.21 -37.63 1.03
CA THR A 649 9.94 -38.78 0.17
C THR A 649 8.83 -38.55 -0.84
N ALA A 650 7.97 -37.57 -0.62
CA ALA A 650 6.94 -37.26 -1.61
C ALA A 650 7.55 -36.59 -2.82
N GLU A 651 6.85 -36.69 -3.95
CA GLU A 651 7.32 -36.12 -5.20
C GLU A 651 6.99 -34.64 -5.33
N GLN A 652 6.29 -34.05 -4.35
CA GLN A 652 5.85 -32.67 -4.47
C GLN A 652 6.81 -31.69 -3.82
N TYR A 653 7.58 -32.12 -2.81
CA TYR A 653 8.39 -31.20 -2.02
C TYR A 653 9.88 -31.46 -2.07
N LYS A 654 10.31 -32.64 -2.53
CA LYS A 654 11.70 -33.05 -2.32
C LYS A 654 12.70 -32.23 -3.11
N ASN A 655 12.27 -31.51 -4.15
CA ASN A 655 13.21 -30.89 -5.09
C ASN A 655 13.55 -29.44 -4.77
N GLY A 656 12.93 -28.84 -3.76
CA GLY A 656 13.28 -27.49 -3.40
C GLY A 656 12.61 -26.45 -4.27
N ILE A 657 13.11 -25.21 -4.15
CA ILE A 657 12.55 -24.05 -4.83
C ILE A 657 13.65 -23.41 -5.67
N SER A 658 13.41 -23.25 -6.97
CA SER A 658 14.37 -22.61 -7.86
C SER A 658 13.67 -21.70 -8.87
N GLN A 659 12.72 -20.88 -8.39
CA GLN A 659 11.84 -20.16 -9.30
C GLN A 659 12.49 -18.86 -9.80
N VAL A 660 12.00 -18.40 -10.95
CA VAL A 660 12.44 -17.17 -11.61
C VAL A 660 11.21 -16.39 -12.05
N GLY A 661 11.18 -15.09 -11.76
CA GLY A 661 10.02 -14.26 -12.04
C GLY A 661 10.34 -13.02 -12.84
N ALA A 662 9.27 -12.29 -13.17
CA ALA A 662 9.36 -11.05 -13.93
C ALA A 662 8.02 -10.33 -13.89
N VAL A 663 8.06 -9.01 -13.68
CA VAL A 663 6.86 -8.17 -13.66
C VAL A 663 7.09 -6.99 -14.60
N ALA A 664 5.98 -6.39 -15.05
CA ALA A 664 6.07 -5.25 -15.96
C ALA A 664 4.75 -4.49 -15.93
N SER A 665 4.82 -3.23 -16.39
CA SER A 665 3.65 -2.39 -16.60
C SER A 665 4.02 -1.12 -17.37
N TRP A 666 3.23 -0.76 -18.38
CA TRP A 666 3.57 0.43 -19.18
C TRP A 666 2.34 1.01 -19.87
N PRO A 667 1.95 2.24 -19.55
CA PRO A 667 0.82 2.87 -20.24
C PRO A 667 1.10 3.04 -21.73
N ILE A 668 0.04 2.90 -22.53
CA ILE A 668 0.09 3.10 -23.98
C ILE A 668 -0.87 4.22 -24.32
N ALA A 669 -0.46 5.09 -25.25
CA ALA A 669 -1.22 6.29 -25.63
C ALA A 669 -1.40 7.12 -24.36
N ASP A 670 -2.62 7.46 -23.97
CA ASP A 670 -2.82 8.16 -22.71
C ASP A 670 -4.04 7.62 -21.96
N ARG A 671 -4.66 6.54 -22.44
CA ARG A 671 -5.82 5.95 -21.79
C ARG A 671 -5.67 4.47 -21.45
N TRP A 672 -4.73 3.76 -22.07
CA TRP A 672 -4.57 2.34 -21.85
C TRP A 672 -3.49 2.07 -20.81
N SER A 673 -3.56 0.86 -20.23
CA SER A 673 -2.55 0.38 -19.30
C SER A 673 -2.43 -1.13 -19.48
N ILE A 674 -1.20 -1.63 -19.50
CA ILE A 674 -0.92 -3.04 -19.77
C ILE A 674 -0.11 -3.57 -18.59
N VAL A 675 -0.53 -4.72 -18.05
CA VAL A 675 0.15 -5.35 -16.94
C VAL A 675 0.52 -6.78 -17.35
N GLY A 676 1.47 -7.36 -16.62
CA GLY A 676 1.89 -8.73 -16.91
C GLY A 676 2.63 -9.31 -15.73
N ALA A 677 2.91 -10.62 -15.84
CA ALA A 677 3.63 -11.35 -14.81
C ALA A 677 4.02 -12.71 -15.38
N TYR A 678 4.93 -13.39 -14.68
CA TYR A 678 5.37 -14.73 -15.03
C TYR A 678 6.24 -15.26 -13.90
N TYR A 679 6.23 -16.58 -13.73
CA TYR A 679 7.02 -17.20 -12.67
C TYR A 679 7.38 -18.61 -13.11
N TYR A 680 8.61 -18.77 -13.63
CA TYR A 680 9.07 -20.06 -14.11
C TYR A 680 9.47 -20.96 -12.95
N ASP A 681 9.85 -22.19 -13.25
CA ASP A 681 10.34 -23.12 -12.24
C ASP A 681 11.38 -24.02 -12.92
N THR A 682 12.65 -23.63 -12.82
CA THR A 682 13.70 -24.25 -13.61
C THR A 682 14.09 -25.64 -13.13
N ASN A 683 13.64 -26.06 -11.94
CA ASN A 683 14.01 -27.39 -11.46
C ASN A 683 13.31 -28.49 -12.25
N ALA A 684 12.05 -28.27 -12.62
CA ALA A 684 11.33 -29.16 -13.54
C ALA A 684 10.41 -28.24 -14.35
N ASN A 685 10.77 -28.03 -15.62
CA ASN A 685 10.18 -26.97 -16.43
C ASN A 685 8.66 -26.99 -16.36
N LYS A 686 8.09 -25.95 -15.75
CA LYS A 686 6.66 -25.82 -15.55
C LYS A 686 6.33 -24.33 -15.53
N GLN A 687 5.15 -23.99 -15.01
CA GLN A 687 4.72 -22.60 -14.91
C GLN A 687 3.84 -22.47 -13.68
N ALA A 688 4.05 -21.40 -12.90
CA ALA A 688 3.36 -21.25 -11.64
C ALA A 688 2.44 -20.03 -11.56
N ASP A 689 2.45 -19.16 -12.57
CA ASP A 689 1.57 -18.00 -12.57
C ASP A 689 1.57 -17.36 -13.93
N SER A 690 0.50 -16.60 -14.21
CA SER A 690 0.42 -15.78 -15.41
C SER A 690 -0.74 -14.81 -15.23
N MET A 691 -0.47 -13.51 -15.40
CA MET A 691 -1.50 -12.49 -15.30
C MET A 691 -1.37 -11.54 -16.49
N LEU A 692 -2.53 -11.10 -17.01
CA LEU A 692 -2.53 -10.20 -18.17
C LEU A 692 -3.83 -9.41 -18.12
N GLY A 693 -3.75 -8.15 -17.68
CA GLY A 693 -4.95 -7.33 -17.63
C GLY A 693 -4.81 -5.95 -18.26
N VAL A 694 -5.56 -5.71 -19.33
CA VAL A 694 -5.63 -4.40 -19.96
C VAL A 694 -6.68 -3.57 -19.23
N GLN A 695 -6.71 -2.26 -19.49
CA GLN A 695 -7.66 -1.40 -18.79
C GLN A 695 -7.83 -0.10 -19.58
N TYR A 696 -9.05 0.19 -19.99
CA TYR A 696 -9.39 1.45 -20.64
C TYR A 696 -9.78 2.49 -19.60
N SER A 697 -9.72 3.76 -19.99
CA SER A 697 -10.17 4.85 -19.13
C SER A 697 -10.61 6.00 -20.03
N SER A 698 -11.92 6.08 -20.27
CA SER A 698 -12.49 7.15 -21.08
C SER A 698 -12.90 8.30 -20.17
N CYS A 699 -13.65 9.25 -20.71
CA CYS A 699 -14.14 10.40 -19.96
C CYS A 699 -15.55 10.18 -19.40
N CYS A 700 -16.16 9.01 -19.67
CA CYS A 700 -17.47 8.69 -19.14
C CYS A 700 -17.57 7.28 -18.55
N TYR A 701 -16.66 6.37 -18.89
CA TYR A 701 -16.76 4.99 -18.44
C TYR A 701 -15.37 4.37 -18.43
N ALA A 702 -15.29 3.12 -17.97
CA ALA A 702 -14.03 2.40 -17.90
C ALA A 702 -14.31 0.94 -18.22
N ILE A 703 -13.23 0.16 -18.42
CA ILE A 703 -13.32 -1.24 -18.77
C ILE A 703 -12.13 -1.95 -18.11
N ARG A 704 -12.33 -3.20 -17.73
CA ARG A 704 -11.28 -3.96 -17.07
C ARG A 704 -11.42 -5.44 -17.41
N VAL A 705 -10.30 -6.10 -17.70
CA VAL A 705 -10.24 -7.52 -17.99
C VAL A 705 -9.14 -8.13 -17.13
N GLY A 706 -9.11 -9.46 -17.07
CA GLY A 706 -8.12 -10.14 -16.26
C GLY A 706 -7.79 -11.51 -16.82
N TYR A 707 -7.03 -12.26 -16.03
CA TYR A 707 -6.58 -13.61 -16.40
C TYR A 707 -5.84 -14.21 -15.21
N GLU A 708 -5.59 -15.52 -15.28
CA GLU A 708 -4.85 -16.24 -14.26
C GLU A 708 -4.61 -17.67 -14.74
N ARG A 709 -3.53 -18.27 -14.25
CA ARG A 709 -3.18 -19.65 -14.54
C ARG A 709 -2.62 -20.34 -13.29
N LYS A 710 -3.15 -19.98 -12.13
CA LYS A 710 -2.56 -20.40 -10.86
C LYS A 710 -2.54 -21.92 -10.73
N LEU A 711 -1.62 -22.41 -9.90
CA LEU A 711 -1.54 -23.81 -9.54
C LEU A 711 -2.53 -24.13 -8.44
N ASN A 712 -3.06 -25.35 -8.44
CA ASN A 712 -4.06 -25.74 -7.45
C ASN A 712 -4.14 -27.26 -7.39
N GLY A 713 -3.84 -27.82 -6.22
CA GLY A 713 -4.05 -29.23 -5.98
C GLY A 713 -2.96 -30.10 -6.60
N TRP A 714 -2.96 -31.37 -6.19
CA TRP A 714 -2.02 -32.38 -6.67
C TRP A 714 -2.76 -33.70 -6.83
N ASP A 715 -3.05 -34.07 -8.08
CA ASP A 715 -3.74 -35.32 -8.33
C ASP A 715 -2.88 -36.50 -7.90
N ASN A 716 -3.50 -37.47 -7.23
CA ASN A 716 -2.74 -38.56 -6.62
C ASN A 716 -2.47 -39.69 -7.60
N ASP A 717 -3.32 -39.85 -8.61
CA ASP A 717 -3.25 -41.02 -9.48
C ASP A 717 -1.94 -41.09 -10.24
N LYS A 718 -1.67 -40.11 -11.10
CA LYS A 718 -0.50 -40.12 -11.97
C LYS A 718 0.45 -38.97 -11.69
N GLN A 719 0.32 -38.32 -10.53
CA GLN A 719 1.21 -37.23 -10.13
C GLN A 719 1.28 -36.13 -11.18
N HIS A 720 0.12 -35.52 -11.43
CA HIS A 720 0.00 -34.43 -12.40
C HIS A 720 -0.80 -33.30 -11.76
N ALA A 721 -0.20 -32.12 -11.68
CA ALA A 721 -0.83 -30.99 -11.03
C ALA A 721 -2.04 -30.50 -11.83
N VAL A 722 -2.86 -29.67 -11.19
CA VAL A 722 -4.10 -29.17 -11.77
C VAL A 722 -4.02 -27.64 -11.82
N TYR A 723 -4.37 -27.08 -12.98
CA TYR A 723 -4.37 -25.64 -13.19
C TYR A 723 -5.80 -25.13 -13.30
N ASP A 724 -5.97 -23.84 -13.02
CA ASP A 724 -7.26 -23.18 -13.15
C ASP A 724 -7.11 -21.91 -13.97
N ASN A 725 -8.10 -21.64 -14.82
CA ASN A 725 -8.14 -20.40 -15.58
C ASN A 725 -9.12 -19.43 -14.92
N ALA A 726 -9.20 -18.22 -15.47
CA ALA A 726 -10.12 -17.20 -14.96
C ALA A 726 -10.17 -16.05 -15.94
N ILE A 727 -11.34 -15.43 -16.09
CA ILE A 727 -11.51 -14.26 -16.93
C ILE A 727 -12.46 -13.31 -16.18
N GLY A 728 -11.92 -12.23 -15.64
CA GLY A 728 -12.73 -11.25 -14.97
C GLY A 728 -13.37 -10.26 -15.93
N PHE A 729 -14.22 -9.41 -15.38
CA PHE A 729 -14.85 -8.36 -16.16
C PHE A 729 -15.41 -7.31 -15.22
N ASN A 730 -15.35 -6.06 -15.64
CA ASN A 730 -15.79 -4.95 -14.81
C ASN A 730 -16.26 -3.80 -15.69
N ILE A 731 -16.99 -2.87 -15.07
CA ILE A 731 -17.44 -1.65 -15.73
C ILE A 731 -17.80 -0.66 -14.64
N GLU A 732 -17.71 0.63 -14.94
CA GLU A 732 -17.97 1.64 -13.94
C GLU A 732 -18.47 2.91 -14.60
N LEU A 733 -19.21 3.70 -13.84
CA LEU A 733 -19.73 4.98 -14.30
C LEU A 733 -18.82 6.08 -13.74
N ARG A 734 -18.09 6.75 -14.64
CA ARG A 734 -17.08 7.72 -14.24
C ARG A 734 -17.39 9.07 -14.85
N GLY A 735 -17.19 10.12 -14.05
CA GLY A 735 -17.37 11.48 -14.51
C GLY A 735 -18.11 12.35 -13.51
N LEU A 736 -19.10 11.78 -12.84
CA LEU A 736 -19.78 12.45 -11.73
C LEU A 736 -19.21 12.00 -10.38
N SER A 737 -17.89 12.16 -10.26
CA SER A 737 -17.17 11.72 -9.07
C SER A 737 -15.82 12.41 -9.03
N SER A 738 -14.95 11.96 -8.14
CA SER A 738 -13.61 12.51 -8.00
C SER A 738 -12.52 11.55 -8.46
N ASN A 739 -12.81 10.26 -8.54
CA ASN A 739 -11.80 9.29 -8.98
C ASN A 739 -11.42 9.57 -10.43
N TYR A 740 -10.14 9.90 -10.63
CA TYR A 740 -9.64 10.25 -11.96
C TYR A 740 -8.28 9.60 -12.21
N GLY A 741 -8.15 8.33 -11.84
CA GLY A 741 -6.90 7.62 -12.01
C GLY A 741 -7.11 6.24 -12.59
N LEU A 742 -6.15 5.81 -13.42
CA LEU A 742 -6.20 4.46 -13.96
C LEU A 742 -6.00 3.43 -12.86
N GLY A 743 -6.68 2.30 -12.99
CA GLY A 743 -6.53 1.23 -12.03
C GLY A 743 -5.38 0.30 -12.38
N THR A 744 -4.23 0.52 -11.74
CA THR A 744 -3.05 -0.31 -11.96
C THR A 744 -2.61 -1.02 -10.69
N GLN A 745 -2.44 -0.30 -9.59
CA GLN A 745 -2.06 -0.94 -8.34
C GLN A 745 -3.14 -1.92 -7.87
N GLU A 746 -4.41 -1.57 -8.08
CA GLU A 746 -5.51 -2.45 -7.71
C GLU A 746 -5.50 -3.76 -8.50
N MET A 747 -4.84 -3.79 -9.65
CA MET A 747 -4.77 -4.98 -10.47
C MET A 747 -3.43 -5.70 -10.35
N LEU A 748 -2.39 -5.02 -9.89
CA LEU A 748 -1.07 -5.61 -9.72
C LEU A 748 -0.91 -6.37 -8.41
N ARG A 749 -1.98 -6.54 -7.65
CA ARG A 749 -1.96 -7.24 -6.37
C ARG A 749 -3.10 -8.26 -6.31
N SER A 750 -3.24 -9.05 -7.37
CA SER A 750 -4.32 -10.00 -7.48
C SER A 750 -3.88 -11.45 -7.65
N ASN A 751 -2.64 -11.72 -8.05
CA ASN A 751 -2.18 -13.09 -8.25
C ASN A 751 -1.86 -13.73 -6.91
N ILE A 752 -1.52 -15.02 -6.94
CA ILE A 752 -1.21 -15.73 -5.70
C ILE A 752 0.06 -15.19 -5.07
N LEU A 753 1.04 -14.82 -5.89
CA LEU A 753 2.26 -14.20 -5.40
C LEU A 753 2.22 -12.71 -5.70
N PRO A 754 1.71 -11.89 -4.78
CA PRO A 754 1.53 -10.47 -5.08
C PRO A 754 2.86 -9.75 -5.28
N TYR A 755 2.77 -8.53 -5.81
CA TYR A 755 3.93 -7.72 -6.12
C TYR A 755 4.31 -6.86 -4.93
N GLN A 756 5.60 -6.73 -4.69
CA GLN A 756 6.14 -5.92 -3.61
C GLN A 756 7.14 -4.92 -4.16
N ASN A 757 7.41 -3.88 -3.38
CA ASN A 757 8.32 -2.81 -3.76
C ASN A 757 9.70 -3.10 -3.20
N THR A 758 10.68 -3.28 -4.08
CA THR A 758 12.05 -3.57 -3.68
C THR A 758 13.00 -2.43 -4.04
N LEU A 759 12.52 -1.20 -3.98
CA LEU A 759 13.35 -0.04 -4.27
C LEU A 759 13.75 0.65 -2.97
N GLY B 1 45.98 3.84 3.94
CA GLY B 1 45.88 5.01 4.79
C GLY B 1 44.49 5.25 5.32
N TRP B 2 44.25 4.84 6.57
CA TRP B 2 42.95 4.98 7.21
C TRP B 2 43.12 5.68 8.55
N HIS B 3 42.04 6.33 8.99
CA HIS B 3 42.01 6.97 10.29
C HIS B 3 40.67 6.70 10.96
N LEU B 4 40.69 6.66 12.29
CA LEU B 4 39.48 6.39 13.05
C LEU B 4 38.53 7.58 12.97
N ARG B 5 37.26 7.32 13.24
CA ARG B 5 36.24 8.36 13.19
C ARG B 5 36.55 9.45 14.21
N ASP B 6 36.51 10.70 13.75
CA ASP B 6 36.79 11.85 14.61
C ASP B 6 35.56 12.69 14.90
N THR B 7 34.52 12.62 14.08
CA THR B 7 33.27 13.32 14.34
C THR B 7 32.38 12.44 15.21
N THR B 8 31.11 12.81 15.34
CA THR B 8 30.15 12.06 16.12
C THR B 8 29.05 11.54 15.20
N GLN B 9 28.45 10.42 15.59
CA GLN B 9 27.39 9.83 14.78
C GLN B 9 26.21 10.78 14.64
N VAL B 10 25.81 11.40 15.74
CA VAL B 10 24.78 12.44 15.73
C VAL B 10 25.51 13.79 15.68
N PRO B 11 25.19 14.67 14.73
CA PRO B 11 25.92 15.93 14.60
C PRO B 11 25.93 16.75 15.88
N SER B 12 26.88 17.68 15.99
CA SER B 12 27.12 18.42 17.23
C SER B 12 26.09 19.51 17.49
N THR B 13 25.07 19.65 16.65
CA THR B 13 24.03 20.65 16.88
C THR B 13 22.78 20.06 17.52
N MET B 14 22.40 18.83 17.16
CA MET B 14 21.23 18.19 17.75
C MET B 14 21.65 17.21 18.84
N LYS B 15 22.17 17.77 19.94
CA LYS B 15 22.50 17.01 21.12
C LYS B 15 21.53 17.24 22.27
N VAL B 16 20.44 17.96 22.02
CA VAL B 16 19.34 18.08 22.95
C VAL B 16 18.05 17.97 22.14
N MET B 17 17.43 16.80 22.15
CA MET B 17 16.39 16.47 21.18
C MET B 17 15.06 16.25 21.88
N ILE B 18 13.99 16.67 21.21
CA ILE B 18 12.63 16.51 21.71
C ILE B 18 11.95 15.43 20.86
N LEU B 19 11.47 14.39 21.51
CA LEU B 19 10.76 13.32 20.82
C LEU B 19 9.25 13.50 20.98
N ASP B 20 8.52 13.22 19.91
CA ASP B 20 7.07 13.36 19.93
C ASP B 20 6.50 12.31 18.98
N SER B 21 5.40 11.68 19.39
CA SER B 21 4.76 10.65 18.59
C SER B 21 3.30 10.55 19.01
N GLY B 22 2.57 9.62 18.40
CA GLY B 22 1.17 9.42 18.72
C GLY B 22 0.95 8.33 19.76
N ASP B 23 1.91 7.42 19.89
CA ASP B 23 1.85 6.34 20.88
C ASP B 23 3.15 6.35 21.66
N PRO B 24 3.23 7.15 22.73
CA PRO B 24 4.50 7.27 23.47
C PRO B 24 4.91 6.03 24.23
N ASN B 25 4.18 4.93 24.13
CA ASN B 25 4.51 3.71 24.85
C ASN B 25 4.66 2.48 23.95
N GLY B 26 4.50 2.65 22.64
CA GLY B 26 4.57 1.53 21.73
C GLY B 26 5.96 0.94 21.64
N PRO B 27 6.18 0.05 20.68
CA PRO B 27 7.50 -0.58 20.54
C PRO B 27 8.51 0.31 19.83
N LEU B 28 8.04 1.06 18.83
CA LEU B 28 8.95 1.94 18.10
C LEU B 28 9.42 3.11 18.96
N SER B 29 8.52 3.67 19.78
CA SER B 29 8.91 4.75 20.67
C SER B 29 9.77 4.28 21.82
N ARG B 30 9.92 2.96 22.00
CA ARG B 30 10.92 2.43 22.92
C ARG B 30 12.25 2.18 22.21
N ALA B 31 12.19 1.60 21.01
CA ALA B 31 13.42 1.32 20.26
C ALA B 31 14.17 2.60 19.94
N VAL B 32 13.46 3.60 19.40
CA VAL B 32 14.12 4.85 19.04
C VAL B 32 14.65 5.56 20.29
N ARG B 33 13.89 5.55 21.37
CA ARG B 33 14.34 6.21 22.59
C ARG B 33 15.61 5.57 23.11
N ASN B 34 15.65 4.24 23.17
CA ASN B 34 16.86 3.57 23.64
C ASN B 34 18.03 3.82 22.71
N GLN B 35 17.80 3.77 21.39
CA GLN B 35 18.88 3.99 20.44
C GLN B 35 19.46 5.39 20.58
N LEU B 36 18.59 6.39 20.73
CA LEU B 36 19.07 7.75 20.93
C LEU B 36 19.84 7.87 22.24
N ARG B 37 19.33 7.28 23.32
CA ARG B 37 20.03 7.35 24.60
C ARG B 37 21.39 6.69 24.52
N LEU B 38 21.56 5.71 23.63
CA LEU B 38 22.85 5.07 23.47
C LEU B 38 23.90 6.06 22.94
N ASN B 39 23.51 6.92 22.00
CA ASN B 39 24.47 7.81 21.34
C ASN B 39 24.84 9.02 22.18
N GLY B 40 24.16 9.26 23.30
CA GLY B 40 24.52 10.31 24.23
C GLY B 40 23.57 11.50 24.26
N VAL B 41 22.69 11.63 23.27
CA VAL B 41 21.77 12.76 23.27
C VAL B 41 20.77 12.61 24.40
N GLU B 42 20.61 13.67 25.18
CA GLU B 42 19.62 13.70 26.25
C GLU B 42 18.26 14.11 25.67
N LEU B 43 17.22 13.39 26.04
CA LEU B 43 15.89 13.58 25.48
C LEU B 43 15.00 14.24 26.55
N LEU B 44 14.73 15.53 26.37
CA LEU B 44 13.78 16.23 27.22
C LEU B 44 12.41 16.16 26.55
N ASP B 45 11.54 15.27 27.05
CA ASP B 45 10.21 15.09 26.50
C ASP B 45 9.30 16.19 27.06
N LYS B 46 7.99 16.08 26.80
CA LYS B 46 6.99 16.95 27.40
C LYS B 46 7.29 18.43 27.08
N GLU B 47 7.11 18.75 25.80
CA GLU B 47 7.50 20.04 25.22
C GLU B 47 7.25 21.19 26.17
N THR B 48 8.32 21.94 26.46
CA THR B 48 8.29 22.93 27.53
C THR B 48 8.73 24.30 27.04
N THR B 49 8.98 25.22 27.98
CA THR B 49 9.33 26.60 27.64
C THR B 49 10.78 26.74 27.20
N ARG B 50 11.17 25.99 26.18
CA ARG B 50 12.48 26.11 25.56
C ARG B 50 12.30 26.12 24.05
N LYS B 51 12.92 27.09 23.37
CA LYS B 51 12.94 27.12 21.91
C LYS B 51 14.38 27.30 21.47
N ASP B 52 15.13 26.20 21.50
CA ASP B 52 16.43 26.16 20.84
C ASP B 52 16.76 24.78 20.29
N VAL B 53 15.86 23.82 20.37
CA VAL B 53 16.19 22.40 20.24
C VAL B 53 15.45 21.82 19.04
N PRO B 54 16.11 21.03 18.20
CA PRO B 54 15.39 20.32 17.15
C PRO B 54 14.48 19.25 17.73
N SER B 55 13.39 18.98 17.02
CA SER B 55 12.42 17.98 17.43
C SER B 55 12.46 16.80 16.47
N LEU B 56 11.58 15.84 16.71
CA LEU B 56 11.47 14.66 15.85
C LEU B 56 10.10 14.05 16.05
N ARG B 57 9.25 14.11 15.01
CA ARG B 57 7.90 13.58 15.06
C ARG B 57 7.84 12.31 14.22
N LEU B 58 7.46 11.21 14.84
CA LEU B 58 7.38 9.93 14.16
C LEU B 58 6.09 9.89 13.32
N GLY B 59 5.82 8.75 12.69
CA GLY B 59 4.69 8.67 11.78
C GLY B 59 4.03 7.31 11.67
N LYS B 60 3.69 6.92 10.45
CA LYS B 60 2.90 5.71 10.21
C LYS B 60 3.81 4.50 10.08
N VAL B 61 3.44 3.42 10.77
CA VAL B 61 4.17 2.16 10.74
C VAL B 61 3.25 1.08 10.18
N SER B 62 3.70 0.37 9.15
CA SER B 62 2.89 -0.64 8.50
C SER B 62 3.71 -1.90 8.29
N ILE B 63 3.10 -3.06 8.55
CA ILE B 63 3.73 -4.35 8.36
C ILE B 63 2.87 -5.17 7.40
N ALA B 64 3.50 -5.74 6.38
CA ALA B 64 2.80 -6.51 5.37
C ALA B 64 3.46 -7.88 5.22
N LYS B 65 2.64 -8.92 5.11
CA LYS B 65 3.13 -10.30 4.99
C LYS B 65 2.39 -10.97 3.84
N ASP B 66 3.13 -11.62 2.96
CA ASP B 66 2.54 -12.27 1.79
C ASP B 66 3.47 -13.36 1.28
N THR B 67 2.93 -14.18 0.39
CA THR B 67 3.66 -15.31 -0.17
C THR B 67 4.81 -14.85 -1.06
N ALA B 68 5.86 -15.66 -1.12
CA ALA B 68 6.99 -15.40 -2.01
C ALA B 68 7.45 -16.62 -2.81
N SER B 69 7.02 -17.82 -2.43
CA SER B 69 7.39 -19.02 -3.18
C SER B 69 6.32 -20.08 -2.95
N VAL B 70 6.26 -21.04 -3.87
CA VAL B 70 5.27 -22.10 -3.82
C VAL B 70 5.92 -23.43 -4.18
N PHE B 71 5.44 -24.50 -3.54
CA PHE B 71 5.89 -25.84 -3.84
C PHE B 71 5.25 -26.29 -5.16
N ARG B 72 5.43 -27.55 -5.52
CA ARG B 72 4.89 -28.06 -6.78
C ARG B 72 3.48 -28.63 -6.62
N ASN B 73 2.72 -28.15 -5.63
CA ASN B 73 1.31 -28.51 -5.52
C ASN B 73 0.41 -27.34 -5.17
N GLY B 74 0.94 -26.12 -5.06
CA GLY B 74 0.14 -24.92 -4.82
C GLY B 74 0.38 -24.29 -3.46
N GLN B 75 0.81 -25.06 -2.47
CA GLN B 75 0.96 -24.55 -1.12
C GLN B 75 2.08 -23.52 -1.06
N THR B 76 2.24 -22.92 0.12
CA THR B 76 3.21 -21.86 0.32
C THR B 76 4.51 -22.41 0.93
N ALA B 77 5.62 -21.76 0.59
CA ALA B 77 6.92 -22.16 1.09
C ALA B 77 7.57 -21.08 1.96
N GLU B 78 7.74 -19.87 1.44
CA GLU B 78 8.40 -18.79 2.18
C GLU B 78 7.49 -17.58 2.24
N TYR B 79 7.44 -16.94 3.40
CA TYR B 79 6.77 -15.67 3.57
C TYR B 79 7.81 -14.54 3.58
N GLN B 80 7.34 -13.33 3.32
CA GLN B 80 8.21 -12.17 3.27
C GLN B 80 7.51 -11.00 3.96
N MET B 81 8.24 -10.27 4.80
CA MET B 81 7.66 -9.22 5.62
C MET B 81 8.40 -7.91 5.38
N ILE B 82 7.65 -6.81 5.35
CA ILE B 82 8.19 -5.49 5.07
C ILE B 82 7.68 -4.51 6.12
N MET B 83 8.53 -3.56 6.51
CA MET B 83 8.14 -2.46 7.37
C MET B 83 8.46 -1.14 6.70
N THR B 84 7.66 -0.11 6.97
CA THR B 84 7.88 1.23 6.45
C THR B 84 7.63 2.24 7.56
N VAL B 85 8.60 3.12 7.80
CA VAL B 85 8.52 4.13 8.82
C VAL B 85 8.75 5.50 8.19
N ASN B 86 8.10 6.52 8.75
CA ASN B 86 8.25 7.88 8.25
C ASN B 86 8.43 8.83 9.43
N ALA B 87 9.34 9.79 9.28
CA ALA B 87 9.61 10.76 10.32
C ALA B 87 10.02 12.08 9.67
N THR B 88 9.82 13.18 10.41
CA THR B 88 10.10 14.51 9.89
C THR B 88 10.87 15.29 10.97
N VAL B 89 12.13 15.63 10.68
CA VAL B 89 12.87 16.52 11.55
C VAL B 89 12.35 17.95 11.37
N LEU B 90 12.40 18.72 12.45
CA LEU B 90 11.74 20.04 12.49
C LEU B 90 12.70 21.08 13.05
N ILE B 91 13.88 21.19 12.44
CA ILE B 91 14.88 22.19 12.82
C ILE B 91 14.22 23.56 12.97
N PRO B 92 14.40 24.25 14.08
CA PRO B 92 13.67 25.50 14.31
C PRO B 92 14.09 26.59 13.33
N GLY B 93 13.12 27.44 12.99
CA GLY B 93 13.36 28.54 12.09
C GLY B 93 13.16 28.18 10.63
N ARG B 94 13.82 27.11 10.19
CA ARG B 94 13.76 26.68 8.81
C ARG B 94 12.63 25.66 8.63
N ASP B 95 12.55 25.07 7.44
CA ASP B 95 11.46 24.17 7.10
C ASP B 95 11.71 22.78 7.67
N ILE B 96 10.73 21.90 7.48
CA ILE B 96 10.80 20.52 7.96
C ILE B 96 11.66 19.70 7.00
N TYR B 97 12.03 18.49 7.43
CA TYR B 97 12.82 17.60 6.59
C TYR B 97 12.35 16.16 6.77
N PRO B 98 11.90 15.49 5.70
CA PRO B 98 11.40 14.13 5.84
C PRO B 98 12.47 13.07 5.61
N ILE B 99 12.35 11.96 6.36
CA ILE B 99 13.20 10.80 6.24
C ILE B 99 12.32 9.55 6.21
N SER B 100 12.94 8.40 5.98
CA SER B 100 12.19 7.16 5.80
C SER B 100 13.07 5.98 6.18
N ALA B 101 12.47 4.79 6.18
CA ALA B 101 13.18 3.55 6.48
C ALA B 101 12.41 2.39 5.89
N LYS B 102 13.11 1.25 5.73
CA LYS B 102 12.51 0.06 5.14
C LYS B 102 13.36 -1.17 5.42
N VAL B 103 12.74 -2.26 5.85
CA VAL B 103 13.45 -3.48 6.21
C VAL B 103 12.79 -4.66 5.50
N PHE B 104 13.58 -5.72 5.25
CA PHE B 104 13.11 -6.91 4.56
C PHE B 104 13.54 -8.14 5.35
N ARG B 105 12.62 -9.09 5.53
CA ARG B 105 12.91 -10.34 6.22
C ARG B 105 12.06 -11.45 5.62
N SER B 106 12.48 -12.70 5.84
CA SER B 106 11.77 -13.85 5.31
C SER B 106 11.97 -15.05 6.23
N PHE B 107 11.08 -16.03 6.09
CA PHE B 107 11.15 -17.25 6.90
C PHE B 107 10.29 -18.33 6.23
N PHE B 108 10.65 -19.57 6.50
CA PHE B 108 9.93 -20.71 5.94
C PHE B 108 8.62 -20.95 6.69
N ASP B 109 7.82 -21.89 6.20
CA ASP B 109 6.52 -22.18 6.78
C ASP B 109 6.36 -23.67 7.03
N ASN B 110 5.58 -24.00 8.06
CA ASN B 110 5.37 -25.38 8.51
C ASN B 110 3.95 -25.57 9.02
N PRO B 111 3.08 -26.22 8.25
CA PRO B 111 1.68 -26.37 8.67
C PRO B 111 1.45 -27.39 9.78
N GLN B 112 2.46 -28.16 10.16
CA GLN B 112 2.29 -29.20 11.17
C GLN B 112 2.60 -28.72 12.58
N MET B 113 3.35 -27.64 12.72
CA MET B 113 3.77 -27.10 14.01
C MET B 113 3.43 -25.61 14.09
N ALA B 114 2.17 -25.29 13.78
CA ALA B 114 1.76 -23.91 13.56
C ALA B 114 2.03 -23.03 14.77
N LEU B 115 1.75 -23.54 15.97
CA LEU B 115 1.92 -22.72 17.17
C LEU B 115 3.37 -22.30 17.34
N ALA B 116 4.31 -23.21 17.11
CA ALA B 116 5.73 -22.83 17.19
C ALA B 116 6.11 -21.86 16.11
N LYS B 117 5.38 -21.85 14.98
CA LYS B 117 5.62 -20.92 13.89
C LYS B 117 4.90 -19.59 14.09
N ASP B 118 4.24 -19.41 15.24
CA ASP B 118 3.67 -18.13 15.61
C ASP B 118 4.50 -17.41 16.67
N ASN B 119 5.42 -18.12 17.34
CA ASN B 119 6.38 -17.50 18.24
C ASN B 119 7.70 -17.19 17.55
N GLU B 120 7.83 -17.54 16.26
CA GLU B 120 8.97 -17.10 15.47
C GLU B 120 8.69 -15.80 14.74
N GLN B 121 7.43 -15.56 14.37
CA GLN B 121 7.07 -14.27 13.76
C GLN B 121 7.22 -13.13 14.77
N ASP B 122 6.90 -13.39 16.04
CA ASP B 122 6.98 -12.35 17.05
C ASP B 122 8.41 -11.87 17.25
N MET B 123 9.36 -12.80 17.29
CA MET B 123 10.77 -12.41 17.41
C MET B 123 11.21 -11.59 16.20
N ILE B 124 10.73 -11.96 15.01
CA ILE B 124 11.11 -11.24 13.80
C ILE B 124 10.58 -9.80 13.84
N VAL B 125 9.30 -9.64 14.20
CA VAL B 125 8.75 -8.28 14.26
C VAL B 125 9.23 -7.51 15.48
N LYS B 126 9.84 -8.17 16.45
CA LYS B 126 10.47 -7.47 17.56
C LYS B 126 11.87 -6.99 17.21
N GLU B 127 12.62 -7.78 16.45
CA GLU B 127 13.99 -7.41 16.09
C GLU B 127 14.07 -6.62 14.79
N MET B 128 12.98 -6.50 14.03
CA MET B 128 12.98 -5.62 12.88
C MET B 128 12.89 -4.16 13.30
N TYR B 129 12.30 -3.90 14.46
CA TYR B 129 12.21 -2.53 14.98
C TYR B 129 13.59 -1.97 15.28
N ASP B 130 14.51 -2.81 15.76
CA ASP B 130 15.84 -2.33 16.09
C ASP B 130 16.68 -1.96 14.88
N ARG B 131 16.22 -2.28 13.68
CA ARG B 131 16.85 -1.83 12.44
C ARG B 131 16.09 -0.68 11.79
N ALA B 132 14.76 -0.72 11.86
CA ALA B 132 13.98 0.43 11.42
C ALA B 132 14.22 1.66 12.29
N ALA B 133 14.71 1.47 13.51
CA ALA B 133 15.07 2.56 14.40
C ALA B 133 16.56 2.88 14.36
N GLU B 134 17.32 2.19 13.53
CA GLU B 134 18.72 2.52 13.30
C GLU B 134 18.95 3.19 11.96
N GLN B 135 18.16 2.84 10.93
CA GLN B 135 18.27 3.56 9.67
C GLN B 135 17.95 5.03 9.84
N LEU B 136 16.92 5.34 10.65
CA LEU B 136 16.55 6.73 10.88
C LEU B 136 17.68 7.51 11.52
N ILE B 137 18.36 6.92 12.50
CA ILE B 137 19.48 7.60 13.13
C ILE B 137 20.64 7.74 12.16
N ARG B 138 20.87 6.73 11.33
CA ARG B 138 21.95 6.83 10.34
C ARG B 138 21.68 7.88 9.29
N LYS B 139 20.41 8.23 9.04
CA LYS B 139 20.11 9.28 8.08
C LYS B 139 20.27 10.69 8.65
N LEU B 140 20.54 10.83 9.94
CA LEU B 140 20.59 12.16 10.54
C LEU B 140 21.68 13.07 9.97
N PRO B 141 22.92 12.62 9.73
CA PRO B 141 23.93 13.55 9.20
C PRO B 141 23.56 14.17 7.86
N SER B 142 22.67 13.55 7.09
CA SER B 142 22.23 14.14 5.84
C SER B 142 21.43 15.42 6.08
N ILE B 143 20.67 15.47 7.17
CA ILE B 143 19.84 16.64 7.46
C ILE B 143 20.72 17.86 7.73
N ARG B 144 21.79 17.68 8.51
CA ARG B 144 22.67 18.80 8.81
C ARG B 144 23.34 19.33 7.55
N ALA B 145 23.74 18.43 6.66
CA ALA B 145 24.36 18.86 5.40
C ALA B 145 23.40 19.69 4.57
N ALA B 146 22.14 19.28 4.48
CA ALA B 146 21.13 20.06 3.79
C ALA B 146 20.72 21.30 4.58
N ASP B 147 21.15 21.43 5.82
CA ASP B 147 20.87 22.61 6.63
C ASP B 147 21.99 23.64 6.57
N ILE B 148 23.22 23.22 6.26
CA ILE B 148 24.34 24.16 6.15
C ILE B 148 24.46 24.76 4.76
N ALA B 149 23.67 24.30 3.79
CA ALA B 149 23.72 24.84 2.44
C ALA B 149 22.69 25.95 2.27
N ASN C 1 14.88 19.70 -13.07
CA ASN C 1 14.19 20.86 -12.55
C ASN C 1 14.02 21.92 -13.64
N TYR C 2 12.84 22.55 -13.67
CA TYR C 2 12.54 23.53 -14.70
C TYR C 2 13.48 24.74 -14.60
N ASN C 3 13.76 25.19 -13.38
CA ASN C 3 14.64 26.35 -13.21
C ASN C 3 16.05 26.05 -13.71
N ASN C 4 16.56 24.85 -13.44
CA ASN C 4 17.90 24.49 -13.87
C ASN C 4 18.01 24.33 -15.38
N VAL C 5 16.90 24.31 -16.11
CA VAL C 5 16.95 24.21 -17.56
C VAL C 5 17.56 25.48 -18.13
N VAL C 6 18.53 25.32 -19.04
CA VAL C 6 19.21 26.44 -19.65
C VAL C 6 18.47 26.81 -20.93
N LYS C 7 18.02 28.07 -21.01
CA LYS C 7 17.30 28.52 -22.18
C LYS C 7 18.23 28.57 -23.40
N THR C 8 17.75 28.05 -24.52
CA THR C 8 18.50 28.06 -25.77
C THR C 8 17.68 28.79 -26.83
N PRO C 9 18.20 29.82 -27.48
CA PRO C 9 17.39 30.56 -28.46
C PRO C 9 16.98 29.68 -29.62
N ALA C 10 15.75 29.87 -30.07
CA ALA C 10 15.21 29.12 -31.19
C ALA C 10 15.73 29.66 -32.51
N PRO C 11 15.77 28.82 -33.55
CA PRO C 11 16.15 29.32 -34.88
C PRO C 11 15.11 30.29 -35.42
N ASP C 12 15.45 30.89 -36.56
CA ASP C 12 14.59 31.90 -37.15
C ASP C 12 13.24 31.31 -37.57
N TRP C 13 13.23 30.11 -38.14
CA TRP C 13 11.98 29.54 -38.62
C TRP C 13 11.05 29.16 -37.49
N LEU C 14 11.59 28.76 -36.33
CA LEU C 14 10.73 28.40 -35.20
C LEU C 14 10.01 29.62 -34.64
N ALA C 15 10.68 30.77 -34.61
CA ALA C 15 10.06 31.97 -34.07
C ALA C 15 8.90 32.43 -34.96
N GLY C 16 7.82 32.84 -34.33
CA GLY C 16 6.64 33.28 -35.03
C GLY C 16 5.41 33.05 -34.19
N TYR C 17 4.26 33.03 -34.87
CA TYR C 17 2.95 32.89 -34.23
C TYR C 17 2.24 31.69 -34.88
N TRP C 18 2.22 30.57 -34.18
CA TRP C 18 1.70 29.32 -34.72
C TRP C 18 0.25 29.12 -34.28
N GLN C 19 -0.62 28.83 -35.25
CA GLN C 19 -2.04 28.63 -35.00
C GLN C 19 -2.54 27.47 -35.84
N THR C 20 -2.94 26.39 -35.18
CA THR C 20 -3.45 25.23 -35.91
C THR C 20 -4.76 25.59 -36.60
N LYS C 21 -4.96 25.02 -37.79
CA LYS C 21 -6.13 25.31 -38.63
C LYS C 21 -6.81 24.00 -39.01
N GLY C 22 -7.89 23.68 -38.30
CA GLY C 22 -8.64 22.47 -38.56
C GLY C 22 -8.66 21.55 -37.37
N PRO C 23 -9.43 20.47 -37.45
CA PRO C 23 -9.41 19.47 -36.38
C PRO C 23 -8.01 18.89 -36.21
N GLN C 24 -7.63 18.65 -34.95
CA GLN C 24 -6.30 18.16 -34.63
C GLN C 24 -6.26 16.69 -34.26
N ARG C 25 -7.41 16.02 -34.22
CA ARG C 25 -7.50 14.59 -33.91
C ARG C 25 -6.89 14.24 -32.56
N ALA C 26 -6.65 15.25 -31.72
CA ALA C 26 -6.12 15.01 -30.39
C ALA C 26 -6.80 15.84 -29.32
N LEU C 27 -7.76 16.69 -29.68
CA LEU C 27 -8.47 17.55 -28.74
C LEU C 27 -9.97 17.30 -28.88
N VAL C 28 -10.50 16.40 -28.04
CA VAL C 28 -11.89 15.96 -28.10
C VAL C 28 -12.19 15.78 -29.58
N SER C 29 -13.30 16.34 -30.05
CA SER C 29 -13.69 16.13 -31.43
C SER C 29 -14.28 17.36 -32.12
N PRO C 30 -15.42 17.92 -31.64
CA PRO C 30 -16.19 18.85 -32.49
C PRO C 30 -15.41 20.03 -33.06
N GLU C 31 -14.85 20.89 -32.19
CA GLU C 31 -14.10 22.05 -32.66
C GLU C 31 -13.18 22.47 -31.52
N ALA C 32 -11.90 22.18 -31.65
CA ALA C 32 -10.90 22.59 -30.68
C ALA C 32 -9.63 23.01 -31.40
N ILE C 33 -8.91 23.96 -30.82
CA ILE C 33 -7.67 24.46 -31.38
C ILE C 33 -6.63 24.53 -30.28
N GLY C 34 -5.42 24.06 -30.56
CA GLY C 34 -4.31 24.19 -29.64
C GLY C 34 -3.20 25.04 -30.23
N SER C 35 -3.01 26.24 -29.69
CA SER C 35 -2.11 27.21 -30.28
C SER C 35 -0.83 27.32 -29.47
N LEU C 36 0.23 27.75 -30.15
CA LEU C 36 1.54 27.95 -29.55
C LEU C 36 1.98 29.39 -29.78
N ILE C 37 2.44 30.04 -28.71
CA ILE C 37 3.03 31.37 -28.78
C ILE C 37 4.45 31.26 -28.27
N VAL C 38 5.42 31.46 -29.15
CA VAL C 38 6.83 31.34 -28.80
C VAL C 38 7.58 32.53 -29.39
N THR C 39 8.38 33.19 -28.56
CA THR C 39 9.14 34.35 -28.98
C THR C 39 10.41 33.92 -29.71
N LYS C 40 11.30 34.86 -29.98
CA LYS C 40 12.59 34.54 -30.59
C LYS C 40 13.62 34.07 -29.57
N GLU C 41 13.35 34.28 -28.27
CA GLU C 41 14.29 33.92 -27.22
C GLU C 41 13.97 32.59 -26.56
N GLY C 42 13.00 31.84 -27.07
CA GLY C 42 12.73 30.51 -26.58
C GLY C 42 11.73 30.40 -25.44
N ASP C 43 10.91 31.41 -25.22
CA ASP C 43 9.88 31.36 -24.19
C ASP C 43 8.55 30.90 -24.82
N THR C 44 7.92 29.93 -24.19
CA THR C 44 6.77 29.25 -24.78
C THR C 44 5.49 29.54 -24.00
N LEU C 45 4.36 29.38 -24.70
CA LEU C 45 3.04 29.54 -24.10
C LEU C 45 2.06 28.65 -24.85
N ASP C 46 1.45 27.71 -24.15
CA ASP C 46 0.55 26.74 -24.73
C ASP C 46 -0.89 27.24 -24.62
N CYS C 47 -1.57 27.39 -25.75
CA CYS C 47 -2.90 27.97 -25.82
C CYS C 47 -3.87 26.94 -26.37
N ARG C 48 -4.87 26.57 -25.57
CA ARG C 48 -5.93 25.66 -25.99
C ARG C 48 -7.27 26.25 -25.61
N GLN C 49 -8.28 26.04 -26.46
CA GLN C 49 -9.62 26.53 -26.14
C GLN C 49 -10.63 25.68 -26.89
N TRP C 50 -11.56 25.07 -26.15
CA TRP C 50 -12.80 24.54 -26.69
C TRP C 50 -14.02 25.18 -26.04
N GLN C 51 -14.07 25.16 -24.71
CA GLN C 51 -15.10 25.85 -23.93
C GLN C 51 -14.43 26.68 -22.85
N ARG C 52 -13.21 26.32 -22.50
CA ARG C 52 -12.43 27.01 -21.48
C ARG C 52 -11.00 27.17 -21.96
N VAL C 53 -10.30 28.15 -21.40
CA VAL C 53 -8.93 28.48 -21.78
C VAL C 53 -8.02 28.15 -20.60
N ILE C 54 -7.01 27.31 -20.85
CA ILE C 54 -5.96 27.03 -19.88
C ILE C 54 -4.62 27.17 -20.58
N ALA C 55 -3.72 27.95 -19.99
CA ALA C 55 -2.43 28.24 -20.60
C ALA C 55 -1.31 27.88 -19.64
N VAL C 56 -0.26 27.24 -20.16
CA VAL C 56 0.91 26.86 -19.38
C VAL C 56 2.17 27.42 -20.03
N PRO C 57 3.02 28.13 -19.29
CA PRO C 57 4.25 28.66 -19.86
C PRO C 57 5.37 27.62 -19.87
N GLY C 58 6.49 28.02 -20.48
CA GLY C 58 7.65 27.15 -20.55
C GLY C 58 8.74 27.82 -21.35
N LYS C 59 9.88 27.13 -21.42
CA LYS C 59 11.06 27.62 -22.11
C LYS C 59 11.59 26.56 -23.07
N LEU C 60 12.30 27.03 -24.10
CA LEU C 60 12.88 26.14 -25.10
C LEU C 60 14.31 25.78 -24.71
N THR C 61 14.69 24.53 -24.95
CA THR C 61 16.04 24.08 -24.63
C THR C 61 16.41 22.93 -25.57
N LEU C 62 17.72 22.70 -25.67
CA LEU C 62 18.27 21.66 -26.54
C LEU C 62 18.59 20.41 -25.74
N MET C 63 18.39 19.25 -26.37
CA MET C 63 18.67 17.97 -25.73
C MET C 63 18.81 16.91 -26.81
N SER C 64 19.92 16.18 -26.80
CA SER C 64 20.19 15.12 -27.76
C SER C 64 20.08 15.65 -29.20
N ASP C 65 20.64 16.83 -29.42
CA ASP C 65 20.61 17.51 -30.72
C ASP C 65 19.18 17.81 -31.18
N ASP C 66 18.24 17.89 -30.24
CA ASP C 66 16.85 18.19 -30.54
C ASP C 66 16.36 19.31 -29.64
N LEU C 67 15.62 20.25 -30.22
CA LEU C 67 15.06 21.38 -29.47
C LEU C 67 13.81 20.89 -28.75
N THR C 68 13.90 20.77 -27.43
CA THR C 68 12.82 20.22 -26.62
C THR C 68 12.22 21.31 -25.72
N ASN C 69 10.89 21.35 -25.68
CA ASN C 69 10.18 22.32 -24.87
C ASN C 69 9.82 21.69 -23.53
N VAL C 70 10.07 22.41 -22.44
CA VAL C 70 9.75 21.96 -21.09
C VAL C 70 8.76 22.95 -20.50
N THR C 71 7.60 22.45 -20.10
CA THR C 71 6.58 23.27 -19.46
C THR C 71 6.86 23.33 -17.96
N VAL C 72 5.96 23.94 -17.20
CA VAL C 72 6.14 24.05 -15.75
C VAL C 72 6.05 22.68 -15.11
N LYS C 73 5.18 21.80 -15.62
CA LYS C 73 4.94 20.50 -15.03
C LYS C 73 5.86 19.42 -15.58
N ARG C 74 7.01 19.79 -16.13
CA ARG C 74 8.02 18.84 -16.61
C ARG C 74 7.42 17.89 -17.67
N GLU C 75 7.07 18.50 -18.80
CA GLU C 75 6.61 17.77 -19.97
C GLU C 75 7.65 17.92 -21.08
N LEU C 76 8.09 16.78 -21.62
CA LEU C 76 9.17 16.73 -22.60
C LEU C 76 8.56 16.64 -24.00
N TYR C 77 8.46 17.77 -24.67
CA TYR C 77 7.90 17.84 -26.02
C TYR C 77 9.01 18.26 -26.99
N GLU C 78 9.21 17.46 -28.03
CA GLU C 78 10.26 17.70 -29.01
C GLU C 78 9.66 18.31 -30.28
N VAL C 79 10.45 19.16 -30.93
CA VAL C 79 10.00 19.87 -32.13
C VAL C 79 10.72 19.29 -33.34
N GLU C 80 9.96 19.05 -34.41
CA GLU C 80 10.49 18.56 -35.68
C GLU C 80 9.73 19.23 -36.82
N ARG C 81 10.47 19.63 -37.85
CA ARG C 81 9.89 20.42 -38.94
C ARG C 81 9.53 19.53 -40.12
N ASP C 82 8.36 19.83 -40.71
CA ASP C 82 7.89 19.16 -41.93
C ASP C 82 7.42 20.27 -42.86
N GLY C 83 8.33 20.77 -43.70
CA GLY C 83 8.02 21.89 -44.58
C GLY C 83 7.98 23.19 -43.83
N ASN C 84 6.82 23.86 -43.84
CA ASN C 84 6.60 25.07 -43.07
C ASN C 84 5.81 24.79 -41.79
N THR C 85 6.04 23.64 -41.18
CA THR C 85 5.27 23.19 -40.03
C THR C 85 6.19 22.67 -38.94
N ILE C 86 5.92 23.10 -37.70
CA ILE C 86 6.58 22.55 -36.53
C ILE C 86 5.67 21.48 -35.94
N GLU C 87 6.26 20.50 -35.27
CA GLU C 87 5.49 19.34 -34.83
C GLU C 87 5.90 18.94 -33.42
N TYR C 88 4.90 18.82 -32.55
CA TYR C 88 5.00 18.02 -31.33
C TYR C 88 3.64 17.37 -31.12
N ASP C 89 3.42 16.84 -29.91
CA ASP C 89 2.39 15.81 -29.70
C ASP C 89 1.04 16.13 -30.34
N GLY C 90 0.67 15.35 -31.35
CA GLY C 90 -0.66 15.42 -31.93
C GLY C 90 -1.08 16.78 -32.41
N MET C 91 -0.17 17.50 -33.08
CA MET C 91 -0.50 18.86 -33.50
C MET C 91 0.49 19.33 -34.57
N THR C 92 -0.03 20.12 -35.51
CA THR C 92 0.76 20.71 -36.58
C THR C 92 0.22 22.10 -36.88
N MET C 93 1.12 23.07 -37.08
CA MET C 93 0.73 24.46 -37.23
C MET C 93 1.30 25.05 -38.51
N GLU C 94 0.64 26.09 -39.00
CA GLU C 94 1.17 26.96 -40.04
C GLU C 94 1.54 28.30 -39.42
N ARG C 95 2.15 29.15 -40.24
CA ARG C 95 2.53 30.49 -39.79
C ARG C 95 1.34 31.43 -39.87
N VAL C 96 1.04 32.12 -38.77
CA VAL C 96 -0.14 32.96 -38.67
C VAL C 96 0.29 34.32 -38.09
N ASP C 97 -0.43 35.37 -38.49
CA ASP C 97 -0.07 36.72 -38.07
C ASP C 97 -0.39 36.96 -36.59
N ARG C 98 -1.59 36.59 -36.16
CA ARG C 98 -2.08 36.96 -34.84
C ARG C 98 -2.81 35.78 -34.19
N PRO C 99 -2.84 35.72 -32.86
CA PRO C 99 -3.54 34.63 -32.18
C PRO C 99 -5.00 34.94 -31.93
N THR C 100 -5.70 34.05 -31.24
CA THR C 100 -7.08 34.30 -30.86
C THR C 100 -7.15 35.36 -29.76
N ALA C 101 -8.33 35.98 -29.64
CA ALA C 101 -8.49 37.05 -28.65
C ALA C 101 -8.37 36.52 -27.22
N GLU C 102 -8.93 35.34 -26.95
CA GLU C 102 -8.94 34.81 -25.60
C GLU C 102 -7.52 34.55 -25.09
N CYS C 103 -6.70 33.89 -25.91
CA CYS C 103 -5.33 33.62 -25.48
C CYS C 103 -4.49 34.88 -25.48
N ALA C 104 -4.82 35.86 -26.33
CA ALA C 104 -4.14 37.15 -26.25
C ALA C 104 -4.42 37.83 -24.91
N ALA C 105 -5.68 37.80 -24.46
CA ALA C 105 -6.01 38.35 -23.15
C ALA C 105 -5.33 37.57 -22.03
N ALA C 106 -5.27 36.25 -22.18
CA ALA C 106 -4.58 35.43 -21.18
C ALA C 106 -3.10 35.81 -21.09
N LEU C 107 -2.47 36.03 -22.23
CA LEU C 107 -1.08 36.50 -22.24
C LEU C 107 -0.97 37.88 -21.59
N ASP C 108 -1.94 38.76 -21.87
CA ASP C 108 -1.94 40.07 -21.22
C ASP C 108 -2.06 39.96 -19.71
N LYS C 109 -2.72 38.90 -19.24
CA LYS C 109 -2.82 38.68 -17.79
C LYS C 109 -1.49 38.20 -17.21
N ALA C 110 -0.75 37.37 -17.96
CA ALA C 110 0.52 36.81 -17.51
C ALA C 110 1.57 37.02 -18.59
N PRO C 111 2.15 38.21 -18.67
CA PRO C 111 3.15 38.48 -19.71
C PRO C 111 4.43 37.68 -19.51
N LEU C 112 5.08 37.37 -20.63
CA LEU C 112 6.38 36.71 -20.59
C LEU C 112 7.48 37.73 -20.31
N PRO C 113 8.56 37.32 -19.67
CA PRO C 113 9.66 38.27 -19.38
C PRO C 113 10.29 38.87 -20.62
N THR C 114 10.42 38.10 -21.71
CA THR C 114 11.10 38.58 -22.89
C THR C 114 10.17 39.42 -23.75
N PRO C 115 10.73 40.29 -24.60
CA PRO C 115 9.89 41.02 -25.56
C PRO C 115 9.19 40.06 -26.50
N LEU C 116 7.94 40.39 -26.84
CA LEU C 116 7.10 39.51 -27.63
C LEU C 116 7.03 40.00 -29.06
N PRO C 117 7.46 39.21 -30.05
CA PRO C 117 7.39 39.56 -31.48
C PRO C 117 5.96 39.77 -31.96
#